data_6ZJK
#
_entry.id   6ZJK
#
_cell.length_a   210.827
_cell.length_b   61.854
_cell.length_c   154.342
_cell.angle_alpha   90.000
_cell.angle_beta   127.460
_cell.angle_gamma   90.000
#
_symmetry.space_group_name_H-M   'C 1 2 1'
#
loop_
_entity.id
_entity.type
_entity.pdbx_description
1 polymer 'Ribonucleoside-diphosphate reductase subunit beta'
2 non-polymer GLYCEROL
3 non-polymer 'FE (III) ION'
4 water water
#
_entity_poly.entity_id   1
_entity_poly.type   'polypeptide(L)'
_entity_poly.pdbx_seq_one_letter_code
;MHHHHHHSSGVDLGTENLYFQSMLKKMIFNEKGQRGTESMINGNTTNLREWNRIKYSWASDFYRTMLNNFWIPEEISLNE
DIKQFPYLTDGERNAFDKIISFLNFLDSVQSENLPNISRYITAAEVSSLLNIQTFQEEIHAQSYSYILDTVTNPITRDKI
YDQWREDEHLLERNKFIAGIYEKFNKEPEIHNFLRAIMANYILEGIYFYSGFSFFYTLARQGKMTATSTIFKYINRDEVT
HLVLFQNIIKELKNENSHIFTEELEEEFRQMMRMGVEHEIQWGQYVTNNEILGLNDELIERYIKYLSNLRLVAIGLKPLY
PEINKHPMEWIDGFSKLNSTKTDFFEAKVTNYTKAAAFDFDDLD
;
_entity_poly.pdbx_strand_id   C,A,D,B
#
# COMPACT_ATOMS: atom_id res chain seq x y z
N SER A 22 -2.92 12.27 -41.61
CA SER A 22 -2.25 13.55 -41.79
C SER A 22 -2.97 14.64 -41.03
N MET A 23 -2.90 14.64 -39.70
CA MET A 23 -3.65 15.57 -38.86
C MET A 23 -3.49 17.06 -39.12
N LEU A 24 -4.48 17.81 -38.69
CA LEU A 24 -4.43 19.23 -38.89
C LEU A 24 -4.77 19.99 -37.63
N LYS A 25 -3.94 20.97 -37.36
CA LYS A 25 -3.96 21.87 -36.25
C LYS A 25 -5.26 22.63 -36.15
N LYS A 26 -5.86 22.74 -35.01
CA LYS A 26 -7.01 23.54 -34.89
C LYS A 26 -6.78 25.04 -35.01
N MET A 27 -7.84 25.80 -35.34
CA MET A 27 -7.77 27.25 -35.34
C MET A 27 -7.74 27.80 -33.91
N ILE A 28 -7.40 29.08 -33.82
CA ILE A 28 -7.47 29.77 -32.53
C ILE A 28 -8.92 29.93 -32.10
N PHE A 29 -9.78 30.40 -33.02
CA PHE A 29 -11.21 30.52 -32.79
C PHE A 29 -11.91 30.16 -34.10
N ASN A 30 -12.91 29.28 -34.04
CA ASN A 30 -13.61 28.80 -35.23
C ASN A 30 -15.07 29.23 -35.14
N GLU A 31 -15.39 30.32 -35.81
CA GLU A 31 -16.72 30.88 -35.82
C GLU A 31 -17.79 29.93 -36.34
N LYS A 32 -17.43 28.97 -37.17
CA LYS A 32 -18.40 28.03 -37.69
C LYS A 32 -18.52 26.74 -36.87
N GLY A 33 -17.88 26.67 -35.70
CA GLY A 33 -18.04 25.49 -34.85
C GLY A 33 -19.43 25.40 -34.24
N GLN A 34 -19.76 24.22 -33.70
CA GLN A 34 -21.03 23.99 -33.03
C GLN A 34 -20.92 24.18 -31.52
N ARG A 35 -22.08 24.29 -30.89
CA ARG A 35 -22.10 24.35 -29.43
C ARG A 35 -21.83 22.95 -28.88
N GLY A 36 -21.03 22.91 -27.81
CA GLY A 36 -20.71 21.67 -27.15
C GLY A 36 -19.54 20.96 -27.80
N THR A 37 -19.36 19.70 -27.42
CA THR A 37 -18.23 18.90 -27.88
C THR A 37 -18.75 17.77 -28.74
N GLU A 38 -18.14 17.60 -29.92
CA GLU A 38 -18.53 16.57 -30.88
C GLU A 38 -17.67 15.31 -30.77
N SER A 39 -16.34 15.46 -30.71
CA SER A 39 -15.45 14.31 -30.61
C SER A 39 -14.10 14.75 -30.06
N MET A 40 -13.25 13.78 -29.76
CA MET A 40 -11.91 13.98 -29.21
C MET A 40 -10.97 14.63 -30.18
N ILE A 41 -10.96 14.15 -31.37
CA ILE A 41 -10.20 14.71 -32.42
C ILE A 41 -11.12 14.88 -33.63
N ASN A 42 -10.71 15.69 -34.57
CA ASN A 42 -11.44 15.99 -35.78
C ASN A 42 -12.86 16.55 -35.57
N GLY A 43 -13.19 17.12 -34.45
CA GLY A 43 -14.52 17.63 -34.22
C GLY A 43 -14.66 19.11 -34.62
N ASN A 44 -15.90 19.51 -34.90
CA ASN A 44 -16.21 20.89 -35.31
C ASN A 44 -16.46 21.72 -34.06
N THR A 45 -15.37 22.20 -33.45
CA THR A 45 -15.42 22.92 -32.18
C THR A 45 -15.10 24.39 -32.40
N THR A 46 -15.63 25.24 -31.52
CA THR A 46 -15.27 26.65 -31.50
C THR A 46 -14.02 26.94 -30.67
N ASN A 47 -13.66 26.05 -29.74
CA ASN A 47 -12.61 26.19 -28.70
C ASN A 47 -13.06 27.05 -27.52
N LEU A 48 -14.32 27.40 -27.42
CA LEU A 48 -14.75 28.15 -26.30
C LEU A 48 -14.93 27.28 -25.09
N ARG A 49 -14.64 27.80 -23.92
CA ARG A 49 -14.75 27.07 -22.72
C ARG A 49 -16.12 27.26 -22.12
N GLU A 50 -16.94 26.25 -22.28
CA GLU A 50 -18.29 26.25 -21.76
C GLU A 50 -18.48 25.01 -20.96
N TRP A 51 -18.20 25.07 -19.68
CA TRP A 51 -18.27 23.90 -18.85
C TRP A 51 -19.62 23.22 -18.63
N ASN A 52 -20.72 23.84 -18.99
CA ASN A 52 -21.99 23.26 -18.80
C ASN A 52 -22.54 22.68 -20.06
N ARG A 53 -21.72 22.57 -21.07
CA ARG A 53 -22.08 21.98 -22.31
C ARG A 53 -20.96 21.06 -22.74
N ILE A 54 -20.62 20.07 -21.96
CA ILE A 54 -19.54 19.17 -22.34
C ILE A 54 -20.01 17.75 -22.68
N LYS A 55 -19.23 17.00 -23.42
CA LYS A 55 -19.57 15.63 -23.76
C LYS A 55 -18.99 14.63 -22.75
N TYR A 56 -17.75 14.84 -22.28
CA TYR A 56 -17.09 13.87 -21.41
C TYR A 56 -17.35 14.27 -19.96
N SER A 57 -18.36 13.63 -19.38
CA SER A 57 -18.79 14.02 -18.04
C SER A 57 -17.70 13.78 -16.99
N TRP A 58 -16.81 12.80 -17.19
CA TRP A 58 -15.74 12.58 -16.23
C TRP A 58 -14.79 13.77 -16.12
N ALA A 59 -14.74 14.63 -17.11
CA ALA A 59 -13.90 15.80 -17.09
C ALA A 59 -14.17 16.72 -15.90
N SER A 60 -15.40 16.87 -15.53
CA SER A 60 -15.76 17.71 -14.43
C SER A 60 -15.14 17.37 -13.14
N ASP A 61 -15.22 16.12 -12.73
CA ASP A 61 -14.61 15.74 -11.49
C ASP A 61 -13.09 15.82 -11.51
N PHE A 62 -12.48 15.56 -12.64
CA PHE A 62 -11.06 15.63 -12.76
C PHE A 62 -10.59 17.07 -12.55
N TYR A 63 -11.33 18.06 -13.04
CA TYR A 63 -11.00 19.45 -12.87
C TYR A 63 -11.00 19.74 -11.41
N ARG A 64 -12.02 19.33 -10.72
CA ARG A 64 -12.11 19.61 -9.33
C ARG A 64 -11.00 19.04 -8.50
N THR A 65 -10.72 17.78 -8.72
CA THR A 65 -9.70 17.04 -8.02
C THR A 65 -8.32 17.66 -8.21
N MET A 66 -8.01 17.98 -9.44
CA MET A 66 -6.74 18.54 -9.78
C MET A 66 -6.50 19.85 -9.07
N LEU A 67 -7.48 20.71 -9.06
CA LEU A 67 -7.34 21.94 -8.37
C LEU A 67 -7.19 21.78 -6.88
N ASN A 68 -7.90 20.86 -6.27
CA ASN A 68 -7.76 20.64 -4.85
C ASN A 68 -6.43 19.99 -4.43
N ASN A 69 -5.67 19.54 -5.38
CA ASN A 69 -4.36 18.98 -5.10
C ASN A 69 -3.22 20.00 -5.14
N PHE A 70 -3.53 21.30 -5.28
CA PHE A 70 -2.49 22.33 -5.46
C PHE A 70 -1.54 22.41 -4.25
N TRP A 71 -0.28 22.53 -4.55
CA TRP A 71 0.76 22.61 -3.54
C TRP A 71 1.92 23.46 -4.04
N ILE A 72 2.69 24.00 -3.11
CA ILE A 72 3.82 24.83 -3.39
C ILE A 72 5.03 24.20 -2.74
N PRO A 73 5.95 23.77 -3.54
CA PRO A 73 7.15 23.06 -3.14
C PRO A 73 7.93 23.73 -2.06
N GLU A 74 8.11 25.05 -2.15
CA GLU A 74 8.85 25.84 -1.15
C GLU A 74 8.23 25.97 0.21
N GLU A 75 7.02 25.47 0.34
CA GLU A 75 6.34 25.51 1.60
C GLU A 75 6.68 24.28 2.47
N ILE A 76 7.48 23.36 1.94
CA ILE A 76 7.87 22.19 2.66
C ILE A 76 9.30 22.37 3.11
N SER A 77 9.55 22.34 4.38
CA SER A 77 10.90 22.61 4.84
C SER A 77 11.81 21.40 4.68
N LEU A 78 13.04 21.70 4.27
CA LEU A 78 14.10 20.73 4.00
C LEU A 78 15.16 20.73 5.09
N ASN A 79 14.89 21.37 6.23
CA ASN A 79 15.92 21.61 7.23
C ASN A 79 16.58 20.30 7.67
N GLU A 80 15.82 19.22 7.78
CA GLU A 80 16.41 17.94 8.19
C GLU A 80 17.25 17.34 7.08
N ASP A 81 16.85 17.51 5.82
CA ASP A 81 17.62 16.97 4.71
C ASP A 81 18.94 17.72 4.50
N ILE A 82 19.00 19.00 4.87
CA ILE A 82 20.27 19.73 4.77
C ILE A 82 21.33 19.06 5.64
N LYS A 83 20.96 18.65 6.85
CA LYS A 83 21.98 18.07 7.70
C LYS A 83 22.35 16.66 7.23
N GLN A 84 21.44 15.90 6.62
CA GLN A 84 21.70 14.51 6.28
C GLN A 84 22.41 14.32 4.95
N PHE A 85 22.25 15.26 4.01
CA PHE A 85 22.85 15.11 2.69
C PHE A 85 24.37 14.82 2.70
N PRO A 86 25.20 15.47 3.54
CA PRO A 86 26.64 15.17 3.50
C PRO A 86 27.01 13.78 3.97
N TYR A 87 26.12 13.07 4.63
CA TYR A 87 26.48 11.76 5.16
C TYR A 87 25.87 10.61 4.37
N LEU A 88 25.26 10.90 3.22
CA LEU A 88 24.92 9.84 2.28
C LEU A 88 26.18 9.13 1.79
N THR A 89 26.08 7.81 1.60
CA THR A 89 27.14 6.98 1.06
C THR A 89 27.45 7.41 -0.37
N ASP A 90 28.61 7.00 -0.88
CA ASP A 90 28.88 7.23 -2.30
C ASP A 90 27.86 6.53 -3.18
N GLY A 91 27.44 5.33 -2.79
CA GLY A 91 26.44 4.62 -3.58
C GLY A 91 25.07 5.27 -3.56
N GLU A 92 24.69 5.84 -2.41
CA GLU A 92 23.43 6.57 -2.34
C GLU A 92 23.48 7.84 -3.19
N ARG A 93 24.59 8.59 -3.11
CA ARG A 93 24.72 9.81 -3.91
C ARG A 93 24.74 9.50 -5.40
N ASN A 94 25.45 8.44 -5.80
CA ASN A 94 25.46 8.05 -7.20
C ASN A 94 24.04 7.81 -7.71
N ALA A 95 23.23 7.12 -6.91
CA ALA A 95 21.86 6.85 -7.34
C ALA A 95 21.01 8.13 -7.31
N PHE A 96 21.14 8.91 -6.24
CA PHE A 96 20.38 10.16 -6.09
C PHE A 96 20.64 11.14 -7.24
N ASP A 97 21.92 11.36 -7.58
CA ASP A 97 22.25 12.33 -8.63
C ASP A 97 21.66 11.93 -9.99
N LYS A 98 21.80 10.66 -10.37
CA LYS A 98 21.35 10.24 -11.70
C LYS A 98 19.83 10.23 -11.81
N ILE A 99 19.15 9.85 -10.74
CA ILE A 99 17.70 9.71 -10.81
C ILE A 99 17.05 11.09 -10.91
N ILE A 100 17.47 12.01 -10.05
CA ILE A 100 16.82 13.31 -10.04
C ILE A 100 17.17 14.10 -11.31
N SER A 101 18.34 13.86 -11.89
CA SER A 101 18.55 14.53 -13.17
C SER A 101 17.69 13.90 -14.27
N PHE A 102 17.43 12.59 -14.22
CA PHE A 102 16.54 11.94 -15.17
C PHE A 102 15.10 12.42 -15.01
N LEU A 103 14.62 12.51 -13.78
CA LEU A 103 13.24 12.94 -13.57
C LEU A 103 13.03 14.38 -14.03
N ASN A 104 14.04 15.24 -13.83
CA ASN A 104 13.94 16.63 -14.31
C ASN A 104 13.84 16.68 -15.82
N PHE A 105 14.54 15.79 -16.51
CA PHE A 105 14.37 15.68 -17.95
C PHE A 105 12.95 15.26 -18.31
N LEU A 106 12.35 14.35 -17.55
CA LEU A 106 11.02 13.85 -17.84
C LEU A 106 9.93 14.93 -17.80
N ASP A 107 9.89 15.65 -16.71
CA ASP A 107 8.98 16.71 -16.53
C ASP A 107 9.24 17.85 -17.51
N SER A 108 10.49 18.10 -17.88
CA SER A 108 10.79 19.13 -18.81
C SER A 108 10.22 18.78 -20.16
N VAL A 109 10.36 17.57 -20.62
CA VAL A 109 9.82 17.22 -21.90
C VAL A 109 8.29 17.14 -21.87
N GLN A 110 7.72 16.82 -20.74
CA GLN A 110 6.30 16.79 -20.59
C GLN A 110 5.82 18.22 -20.76
N SER A 111 6.47 19.19 -20.15
CA SER A 111 6.11 20.61 -20.26
C SER A 111 6.18 21.16 -21.66
N GLU A 112 7.05 20.62 -22.48
CA GLU A 112 7.16 21.02 -23.82
C GLU A 112 6.27 20.26 -24.76
N ASN A 113 6.01 19.00 -24.50
CA ASN A 113 5.22 18.20 -25.40
C ASN A 113 3.70 18.25 -25.23
N LEU A 114 3.22 18.33 -24.01
CA LEU A 114 1.80 18.39 -23.75
C LEU A 114 1.04 19.42 -24.61
N PRO A 115 1.61 20.59 -24.81
CA PRO A 115 0.87 21.54 -25.61
C PRO A 115 0.79 21.16 -27.04
N ASN A 116 1.61 20.23 -27.46
CA ASN A 116 1.60 19.82 -28.83
C ASN A 116 0.55 18.78 -29.04
N ILE A 117 0.22 18.09 -28.00
CA ILE A 117 -0.77 17.12 -28.10
C ILE A 117 -2.06 17.87 -27.99
N SER A 118 -2.15 18.69 -26.97
CA SER A 118 -3.34 19.47 -26.73
C SER A 118 -3.88 20.30 -27.85
N ARG A 119 -3.08 20.74 -28.77
CA ARG A 119 -3.53 21.51 -29.87
C ARG A 119 -4.19 20.76 -31.01
N TYR A 120 -4.30 19.46 -30.86
CA TYR A 120 -4.96 18.64 -31.83
C TYR A 120 -6.23 18.08 -31.22
N ILE A 121 -6.41 18.28 -29.93
CA ILE A 121 -7.57 17.81 -29.25
C ILE A 121 -8.79 18.75 -29.44
N THR A 122 -9.88 18.23 -29.97
CA THR A 122 -11.06 19.04 -30.24
C THR A 122 -12.15 19.09 -29.22
N ALA A 123 -11.89 18.62 -28.03
CA ALA A 123 -12.80 18.72 -26.89
C ALA A 123 -12.20 19.69 -25.88
N ALA A 124 -12.80 20.89 -25.77
CA ALA A 124 -12.20 21.92 -24.92
C ALA A 124 -12.10 21.48 -23.47
N GLU A 125 -13.04 20.67 -22.99
CA GLU A 125 -12.97 20.26 -21.60
C GLU A 125 -11.77 19.34 -21.35
N VAL A 126 -11.31 18.61 -22.37
CA VAL A 126 -10.09 17.81 -22.26
C VAL A 126 -8.84 18.69 -22.37
N SER A 127 -8.87 19.66 -23.28
CA SER A 127 -7.74 20.61 -23.39
C SER A 127 -7.53 21.41 -22.10
N SER A 128 -8.61 21.80 -21.44
CA SER A 128 -8.45 22.43 -20.13
C SER A 128 -7.66 21.53 -19.19
N LEU A 129 -7.96 20.26 -19.14
CA LEU A 129 -7.27 19.37 -18.23
C LEU A 129 -5.82 19.19 -18.59
N LEU A 130 -5.51 19.10 -19.85
CA LEU A 130 -4.11 18.96 -20.23
C LEU A 130 -3.32 20.22 -19.90
N ASN A 131 -3.94 21.40 -19.99
CA ASN A 131 -3.28 22.64 -19.59
C ASN A 131 -3.01 22.67 -18.09
N ILE A 132 -3.90 22.14 -17.30
CA ILE A 132 -3.67 22.07 -15.91
C ILE A 132 -2.50 21.08 -15.65
N GLN A 133 -2.46 20.03 -16.44
CA GLN A 133 -1.43 19.05 -16.30
C GLN A 133 -0.11 19.72 -16.58
N THR A 134 -0.01 20.45 -17.67
CA THR A 134 1.24 21.12 -18.04
C THR A 134 1.74 22.03 -16.91
N PHE A 135 0.84 22.78 -16.29
CA PHE A 135 1.16 23.62 -15.15
C PHE A 135 1.73 22.80 -14.00
N GLN A 136 1.15 21.63 -13.72
CA GLN A 136 1.63 20.75 -12.65
C GLN A 136 3.01 20.19 -12.94
N GLU A 137 3.32 19.95 -14.19
CA GLU A 137 4.60 19.46 -14.59
C GLU A 137 5.67 20.56 -14.37
N GLU A 138 5.33 21.82 -14.64
CA GLU A 138 6.25 22.91 -14.35
C GLU A 138 6.54 23.00 -12.86
N ILE A 139 5.53 22.77 -12.03
CA ILE A 139 5.76 22.79 -10.57
C ILE A 139 6.67 21.63 -10.14
N HIS A 140 6.59 20.53 -10.82
CA HIS A 140 7.38 19.36 -10.51
C HIS A 140 8.83 19.65 -10.79
N ALA A 141 9.07 20.16 -11.95
CA ALA A 141 10.43 20.49 -12.37
C ALA A 141 11.06 21.50 -11.44
N GLN A 142 10.32 22.45 -10.92
CA GLN A 142 10.82 23.47 -10.03
C GLN A 142 11.14 22.95 -8.67
N SER A 143 10.34 22.01 -8.22
CA SER A 143 10.58 21.26 -6.99
C SER A 143 12.00 20.72 -6.94
N TYR A 144 12.50 20.30 -8.07
CA TYR A 144 13.81 19.71 -8.17
C TYR A 144 14.85 20.79 -7.99
N SER A 145 14.66 21.95 -8.61
CA SER A 145 15.56 23.08 -8.39
C SER A 145 15.59 23.48 -6.91
N TYR A 146 14.44 23.46 -6.29
CA TYR A 146 14.32 23.79 -4.90
C TYR A 146 15.08 22.80 -4.02
N ILE A 147 14.95 21.51 -4.27
CA ILE A 147 15.70 20.50 -3.50
C ILE A 147 17.21 20.73 -3.63
N LEU A 148 17.69 20.84 -4.88
CA LEU A 148 19.13 20.85 -5.11
C LEU A 148 19.78 22.13 -4.62
N ASP A 149 19.08 23.27 -4.75
CA ASP A 149 19.62 24.54 -4.30
C ASP A 149 19.63 24.62 -2.77
N THR A 150 18.77 23.84 -2.11
CA THR A 150 18.71 23.94 -0.65
C THR A 150 19.63 22.97 0.06
N VAL A 151 19.74 21.72 -0.41
CA VAL A 151 20.51 20.73 0.35
C VAL A 151 21.99 20.70 -0.01
N THR A 152 22.42 21.40 -1.07
CA THR A 152 23.84 21.39 -1.42
C THR A 152 24.22 22.73 -2.04
N ASN A 153 25.50 22.90 -2.34
CA ASN A 153 26.03 24.19 -2.77
C ASN A 153 25.95 24.32 -4.29
N PRO A 154 26.16 25.54 -4.84
CA PRO A 154 25.94 25.74 -6.28
C PRO A 154 26.80 24.86 -7.18
N ILE A 155 28.03 24.53 -6.77
CA ILE A 155 28.85 23.77 -7.71
C ILE A 155 28.35 22.32 -7.80
N THR A 156 28.00 21.67 -6.69
CA THR A 156 27.41 20.34 -6.67
C THR A 156 26.08 20.31 -7.42
N ARG A 157 25.28 21.36 -7.19
CA ARG A 157 23.96 21.49 -7.81
C ARG A 157 24.04 21.41 -9.32
N ASP A 158 24.97 22.18 -9.91
CA ASP A 158 25.10 22.23 -11.37
C ASP A 158 25.63 20.91 -11.91
N LYS A 159 26.46 20.20 -11.13
CA LYS A 159 26.95 18.90 -11.51
C LYS A 159 25.82 17.87 -11.61
N ILE A 160 24.83 17.96 -10.71
CA ILE A 160 23.69 17.05 -10.77
C ILE A 160 22.78 17.38 -11.95
N TYR A 161 22.49 18.68 -12.15
CA TYR A 161 21.82 19.12 -13.38
C TYR A 161 22.44 18.47 -14.62
N ASP A 162 23.77 18.48 -14.73
CA ASP A 162 24.47 18.09 -15.95
C ASP A 162 24.82 16.60 -16.00
N GLN A 163 24.21 15.78 -15.14
CA GLN A 163 24.67 14.41 -15.09
C GLN A 163 24.47 13.69 -16.43
N TRP A 164 23.50 14.12 -17.26
CA TRP A 164 23.27 13.55 -18.59
C TRP A 164 24.36 13.88 -19.58
N ARG A 165 25.15 14.94 -19.34
CA ARG A 165 26.26 15.23 -20.24
C ARG A 165 27.47 14.33 -20.00
N GLU A 166 27.53 13.59 -18.90
CA GLU A 166 28.61 12.78 -18.36
C GLU A 166 28.39 11.28 -18.46
N ASP A 167 27.12 10.87 -18.49
CA ASP A 167 26.70 9.47 -18.36
C ASP A 167 26.01 9.05 -19.66
N GLU A 168 26.65 8.22 -20.45
CA GLU A 168 26.11 7.82 -21.71
C GLU A 168 24.80 7.04 -21.68
N HIS A 169 24.55 6.32 -20.61
CA HIS A 169 23.35 5.57 -20.50
C HIS A 169 22.21 6.54 -20.37
N LEU A 170 22.41 7.54 -19.53
CA LEU A 170 21.40 8.54 -19.31
C LEU A 170 21.12 9.32 -20.56
N LEU A 171 22.12 9.64 -21.30
CA LEU A 171 21.92 10.32 -22.54
C LEU A 171 21.13 9.53 -23.54
N GLU A 172 21.43 8.27 -23.75
CA GLU A 172 20.70 7.52 -24.75
C GLU A 172 19.24 7.35 -24.39
N ARG A 173 18.95 7.16 -23.12
CA ARG A 173 17.59 7.05 -22.65
C ARG A 173 16.84 8.30 -23.06
N ASN A 174 17.42 9.44 -22.73
CA ASN A 174 16.85 10.73 -23.06
C ASN A 174 16.56 10.85 -24.52
N LYS A 175 17.47 10.48 -25.37
CA LYS A 175 17.21 10.56 -26.77
C LYS A 175 16.10 9.66 -27.22
N PHE A 176 16.05 8.47 -26.67
CA PHE A 176 15.01 7.55 -27.01
C PHE A 176 13.66 8.14 -26.69
N ILE A 177 13.49 8.57 -25.47
CA ILE A 177 12.20 9.05 -25.02
C ILE A 177 11.76 10.29 -25.81
N ALA A 178 12.68 11.24 -26.02
CA ALA A 178 12.32 12.46 -26.73
C ALA A 178 12.01 12.19 -28.19
N GLY A 179 12.62 11.18 -28.78
CA GLY A 179 12.43 10.90 -30.20
C GLY A 179 11.02 10.47 -30.57
N ILE A 180 10.31 9.81 -29.65
CA ILE A 180 8.93 9.40 -29.94
C ILE A 180 8.03 10.62 -30.03
N TYR A 181 8.22 11.55 -29.13
CA TYR A 181 7.46 12.72 -29.17
C TYR A 181 7.86 13.50 -30.39
N GLU A 182 9.13 13.65 -30.67
CA GLU A 182 9.56 14.50 -31.77
C GLU A 182 9.16 13.92 -33.12
N LYS A 183 8.87 12.61 -33.19
CA LYS A 183 8.43 12.19 -34.51
C LYS A 183 7.01 12.66 -34.78
N PHE A 184 6.23 13.01 -33.78
CA PHE A 184 4.95 13.61 -34.05
C PHE A 184 5.11 15.06 -34.25
N ASN A 185 5.97 15.66 -33.45
CA ASN A 185 6.21 17.09 -33.54
C ASN A 185 6.58 17.55 -34.92
N LYS A 186 7.30 16.73 -35.63
CA LYS A 186 7.65 17.14 -36.98
C LYS A 186 6.79 16.45 -38.04
N GLU A 187 6.05 15.42 -37.70
CA GLU A 187 5.20 14.76 -38.70
C GLU A 187 3.84 14.43 -38.08
N PRO A 188 2.94 15.38 -38.17
CA PRO A 188 1.63 15.23 -37.60
C PRO A 188 0.71 14.26 -38.32
N GLU A 189 0.79 12.99 -37.98
CA GLU A 189 -0.04 11.95 -38.57
C GLU A 189 -0.72 11.15 -37.45
N ILE A 190 -1.83 10.49 -37.80
CA ILE A 190 -2.62 9.93 -36.70
C ILE A 190 -1.89 8.79 -36.00
N HIS A 191 -1.11 7.97 -36.69
CA HIS A 191 -0.41 6.87 -36.03
C HIS A 191 0.69 7.41 -35.10
N ASN A 192 1.45 8.40 -35.58
CA ASN A 192 2.42 9.05 -34.70
C ASN A 192 1.75 9.69 -33.50
N PHE A 193 0.54 10.16 -33.66
CA PHE A 193 -0.18 10.80 -32.59
C PHE A 193 -0.55 9.80 -31.51
N LEU A 194 -1.07 8.65 -31.89
CA LEU A 194 -1.45 7.63 -30.95
C LEU A 194 -0.28 6.96 -30.25
N ARG A 195 0.83 6.83 -30.94
CA ARG A 195 2.04 6.26 -30.34
C ARG A 195 2.55 7.26 -29.29
N ALA A 196 2.40 8.54 -29.54
CA ALA A 196 2.81 9.50 -28.57
C ALA A 196 1.94 9.51 -27.34
N ILE A 197 0.67 9.16 -27.50
CA ILE A 197 -0.22 9.14 -26.39
C ILE A 197 0.15 7.99 -25.50
N MET A 198 0.48 6.88 -26.10
CA MET A 198 0.86 5.71 -25.36
C MET A 198 2.20 5.94 -24.66
N ALA A 199 3.09 6.67 -25.30
CA ALA A 199 4.37 7.03 -24.71
C ALA A 199 4.20 7.79 -23.42
N ASN A 200 3.34 8.80 -23.44
CA ASN A 200 3.02 9.53 -22.27
C ASN A 200 2.56 8.67 -21.16
N TYR A 201 1.63 7.76 -21.45
CA TYR A 201 1.07 6.85 -20.46
C TYR A 201 2.16 6.01 -19.83
N ILE A 202 3.06 5.51 -20.62
CA ILE A 202 4.18 4.74 -20.12
C ILE A 202 5.07 5.57 -19.22
N LEU A 203 5.41 6.75 -19.67
CA LEU A 203 6.27 7.68 -18.94
C LEU A 203 5.79 7.93 -17.56
N GLU A 204 4.54 8.23 -17.40
CA GLU A 204 3.94 8.52 -16.14
C GLU A 204 3.62 7.35 -15.26
N GLY A 205 3.18 6.26 -15.85
CA GLY A 205 2.80 5.10 -15.09
C GLY A 205 3.92 4.12 -14.80
N ILE A 206 5.08 4.30 -15.43
CA ILE A 206 6.20 3.37 -15.26
C ILE A 206 7.48 4.10 -14.82
N TYR A 207 7.94 5.06 -15.62
CA TYR A 207 9.25 5.68 -15.33
C TYR A 207 9.21 6.43 -14.01
N PHE A 208 8.14 7.14 -13.78
CA PHE A 208 8.05 7.89 -12.59
C PHE A 208 7.90 7.03 -11.37
N TYR A 209 7.16 5.94 -11.46
CA TYR A 209 6.93 5.04 -10.35
C TYR A 209 8.23 4.37 -9.92
N SER A 210 9.07 4.08 -10.87
CA SER A 210 10.40 3.57 -10.53
C SER A 210 11.20 4.57 -9.72
N GLY A 211 11.16 5.85 -10.12
CA GLY A 211 11.92 6.85 -9.39
C GLY A 211 11.40 7.05 -7.98
N PHE A 212 10.09 6.99 -7.81
CA PHE A 212 9.52 7.20 -6.50
C PHE A 212 10.00 6.15 -5.52
N SER A 213 10.09 4.91 -5.95
CA SER A 213 10.47 3.86 -5.01
C SER A 213 11.88 4.07 -4.45
N PHE A 214 12.75 4.80 -5.17
CA PHE A 214 14.07 5.09 -4.61
C PHE A 214 13.98 6.04 -3.42
N PHE A 215 13.26 7.17 -3.60
CA PHE A 215 13.18 8.16 -2.53
C PHE A 215 12.42 7.63 -1.34
N TYR A 216 11.37 6.81 -1.57
CA TYR A 216 10.69 6.18 -0.45
C TYR A 216 11.60 5.17 0.25
N THR A 217 12.43 4.45 -0.51
CA THR A 217 13.37 3.51 0.13
C THR A 217 14.39 4.25 1.00
N LEU A 218 14.86 5.43 0.55
CA LEU A 218 15.76 6.22 1.41
C LEU A 218 15.05 6.66 2.67
N ALA A 219 13.86 7.27 2.52
CA ALA A 219 13.09 7.80 3.65
C ALA A 219 12.65 6.72 4.62
N ARG A 220 12.41 5.50 4.12
CA ARG A 220 12.03 4.41 5.02
C ARG A 220 13.17 4.12 6.01
N GLN A 221 14.42 4.43 5.64
CA GLN A 221 15.58 4.27 6.51
C GLN A 221 15.91 5.51 7.32
N GLY A 222 15.16 6.59 7.18
CA GLY A 222 15.46 7.81 7.92
C GLY A 222 16.33 8.81 7.18
N LYS A 223 16.58 8.62 5.89
CA LYS A 223 17.46 9.49 5.10
C LYS A 223 16.62 10.28 4.10
N MET A 224 16.84 11.61 4.05
CA MET A 224 16.16 12.51 3.10
C MET A 224 14.65 12.41 3.19
N THR A 225 14.12 12.55 4.41
CA THR A 225 12.68 12.32 4.62
C THR A 225 11.83 13.43 4.00
N ALA A 226 12.29 14.69 4.05
CA ALA A 226 11.46 15.76 3.51
C ALA A 226 11.50 15.80 1.99
N THR A 227 12.60 15.34 1.39
CA THR A 227 12.61 15.10 -0.05
C THR A 227 11.54 14.06 -0.42
N SER A 228 11.32 13.09 0.46
CA SER A 228 10.31 12.08 0.17
C SER A 228 8.91 12.69 0.25
N THR A 229 8.67 13.60 1.20
CA THR A 229 7.40 14.32 1.27
C THR A 229 7.09 15.06 -0.03
N ILE A 230 8.08 15.77 -0.59
CA ILE A 230 7.87 16.38 -1.90
C ILE A 230 7.46 15.32 -2.93
N PHE A 231 8.11 14.14 -2.92
CA PHE A 231 7.76 13.15 -3.94
C PHE A 231 6.37 12.55 -3.73
N LYS A 232 5.85 12.53 -2.48
CA LYS A 232 4.47 12.11 -2.28
C LYS A 232 3.49 13.07 -2.97
N TYR A 233 3.80 14.37 -2.94
CA TYR A 233 2.91 15.32 -3.63
C TYR A 233 2.95 15.13 -5.12
N ILE A 234 4.12 14.84 -5.64
CA ILE A 234 4.26 14.62 -7.04
C ILE A 234 3.52 13.33 -7.42
N ASN A 235 3.63 12.31 -6.60
CA ASN A 235 2.98 11.03 -6.79
C ASN A 235 1.47 11.27 -6.88
N ARG A 236 0.91 11.98 -5.92
CA ARG A 236 -0.47 12.35 -5.95
C ARG A 236 -0.92 12.97 -7.29
N ASP A 237 -0.21 13.94 -7.81
CA ASP A 237 -0.52 14.51 -9.06
C ASP A 237 -0.41 13.45 -10.14
N GLU A 238 0.61 12.60 -10.12
CA GLU A 238 0.79 11.60 -11.12
C GLU A 238 -0.39 10.63 -11.28
N VAL A 239 -1.03 10.29 -10.22
CA VAL A 239 -2.20 9.45 -10.27
C VAL A 239 -3.28 10.04 -11.15
N THR A 240 -3.52 11.34 -11.02
CA THR A 240 -4.47 12.06 -11.81
C THR A 240 -4.05 12.12 -13.25
N HIS A 241 -2.77 12.18 -13.53
CA HIS A 241 -2.32 12.23 -14.92
C HIS A 241 -2.52 10.89 -15.60
N LEU A 242 -2.40 9.84 -14.83
CA LEU A 242 -2.58 8.50 -15.29
C LEU A 242 -4.03 8.29 -15.69
N VAL A 243 -4.94 8.56 -14.79
CA VAL A 243 -6.33 8.40 -15.10
C VAL A 243 -6.79 9.27 -16.23
N LEU A 244 -6.23 10.45 -16.37
CA LEU A 244 -6.56 11.30 -17.51
C LEU A 244 -6.21 10.62 -18.83
N PHE A 245 -4.99 10.13 -18.93
CA PHE A 245 -4.57 9.44 -20.15
C PHE A 245 -5.32 8.11 -20.36
N GLN A 246 -5.65 7.41 -19.31
CA GLN A 246 -6.48 6.20 -19.44
C GLN A 246 -7.81 6.53 -20.14
N ASN A 247 -8.46 7.60 -19.72
CA ASN A 247 -9.73 8.00 -20.32
C ASN A 247 -9.58 8.56 -21.72
N ILE A 248 -8.53 9.34 -21.96
CA ILE A 248 -8.31 9.84 -23.32
C ILE A 248 -8.14 8.67 -24.29
N ILE A 249 -7.41 7.66 -23.91
CA ILE A 249 -7.21 6.52 -24.77
C ILE A 249 -8.51 5.73 -25.00
N LYS A 250 -9.31 5.59 -23.96
CA LYS A 250 -10.56 4.85 -24.04
C LYS A 250 -11.52 5.52 -25.02
N GLU A 251 -11.61 6.86 -24.98
CA GLU A 251 -12.50 7.56 -25.90
C GLU A 251 -11.97 7.54 -27.33
N LEU A 252 -10.65 7.66 -27.50
CA LEU A 252 -10.07 7.61 -28.84
C LEU A 252 -10.34 6.27 -29.51
N LYS A 253 -10.26 5.17 -28.75
CA LYS A 253 -10.57 3.82 -29.23
C LYS A 253 -12.01 3.73 -29.71
N ASN A 254 -12.92 4.25 -28.87
CA ASN A 254 -14.34 4.14 -29.18
C ASN A 254 -14.72 4.92 -30.44
N GLU A 255 -14.11 6.09 -30.65
CA GLU A 255 -14.48 7.00 -31.74
C GLU A 255 -13.64 6.81 -33.01
N ASN A 256 -12.62 5.95 -32.98
CA ASN A 256 -11.69 5.73 -34.10
C ASN A 256 -11.37 4.24 -34.24
N SER A 257 -12.40 3.40 -34.24
CA SER A 257 -12.17 1.96 -34.15
C SER A 257 -11.47 1.41 -35.40
N HIS A 258 -11.63 2.05 -36.55
CA HIS A 258 -10.95 1.59 -37.75
C HIS A 258 -9.43 1.78 -37.67
N ILE A 259 -8.95 2.70 -36.83
CA ILE A 259 -7.50 2.85 -36.65
C ILE A 259 -6.96 1.92 -35.57
N PHE A 260 -7.73 1.70 -34.51
CA PHE A 260 -7.36 0.79 -33.42
C PHE A 260 -7.55 -0.65 -33.85
N THR A 261 -6.65 -1.10 -34.72
CA THR A 261 -6.69 -2.48 -35.15
C THR A 261 -6.12 -3.37 -34.05
N GLU A 262 -6.37 -4.69 -34.15
CA GLU A 262 -5.66 -5.75 -33.46
C GLU A 262 -4.16 -5.47 -33.42
N GLU A 263 -3.71 -5.07 -34.61
CA GLU A 263 -2.28 -4.91 -34.80
C GLU A 263 -1.78 -3.68 -34.04
N LEU A 264 -2.50 -2.56 -34.10
CA LEU A 264 -2.00 -1.38 -33.39
C LEU A 264 -2.06 -1.59 -31.88
N GLU A 265 -3.05 -2.30 -31.35
CA GLU A 265 -3.05 -2.60 -29.93
C GLU A 265 -1.85 -3.46 -29.55
N GLU A 266 -1.42 -4.36 -30.44
CA GLU A 266 -0.21 -5.13 -30.13
C GLU A 266 1.02 -4.23 -30.15
N GLU A 267 1.05 -3.23 -31.04
CA GLU A 267 2.19 -2.32 -31.00
C GLU A 267 2.22 -1.52 -29.69
N PHE A 268 1.08 -1.21 -29.08
CA PHE A 268 1.07 -0.60 -27.76
C PHE A 268 1.63 -1.55 -26.70
N ARG A 269 1.28 -2.84 -26.77
CA ARG A 269 1.80 -3.82 -25.82
C ARG A 269 3.31 -3.93 -25.89
N GLN A 270 3.87 -3.81 -27.07
CA GLN A 270 5.29 -3.88 -27.25
C GLN A 270 6.03 -2.64 -26.79
N MET A 271 5.35 -1.50 -26.81
CA MET A 271 5.89 -0.25 -26.36
C MET A 271 6.04 -0.38 -24.89
N MET A 272 5.07 -0.93 -24.22
CA MET A 272 5.18 -1.12 -22.84
C MET A 272 6.30 -2.12 -22.49
N ARG A 273 6.47 -3.17 -23.28
CA ARG A 273 7.51 -4.17 -23.07
C ARG A 273 8.87 -3.51 -23.12
N MET A 274 9.12 -2.70 -24.12
CA MET A 274 10.42 -2.10 -24.15
C MET A 274 10.60 -1.10 -23.07
N GLY A 275 9.60 -0.34 -22.68
CA GLY A 275 9.70 0.57 -21.58
C GLY A 275 10.01 -0.13 -20.32
N VAL A 276 9.37 -1.24 -20.06
CA VAL A 276 9.63 -2.06 -18.91
C VAL A 276 11.09 -2.54 -18.91
N GLU A 277 11.58 -2.98 -20.03
CA GLU A 277 12.93 -3.49 -20.13
C GLU A 277 13.93 -2.39 -19.86
N HIS A 278 13.75 -1.24 -20.46
CA HIS A 278 14.58 -0.11 -20.22
C HIS A 278 14.59 0.33 -18.77
N GLU A 279 13.45 0.45 -18.13
CA GLU A 279 13.36 0.95 -16.77
C GLU A 279 14.00 -0.01 -15.76
N ILE A 280 13.86 -1.32 -15.98
CA ILE A 280 14.50 -2.30 -15.11
C ILE A 280 16.02 -2.17 -15.22
N GLN A 281 16.52 -2.16 -16.46
CA GLN A 281 17.97 -2.05 -16.61
C GLN A 281 18.50 -0.73 -16.07
N TRP A 282 17.76 0.38 -16.16
CA TRP A 282 18.17 1.66 -15.58
C TRP A 282 18.14 1.60 -14.06
N GLY A 283 17.08 1.02 -13.50
CA GLY A 283 16.98 0.90 -12.05
C GLY A 283 18.09 0.08 -11.44
N GLN A 284 18.50 -0.93 -12.15
CA GLN A 284 19.53 -1.78 -11.70
C GLN A 284 20.88 -1.07 -11.82
N TYR A 285 21.03 -0.29 -12.86
CA TYR A 285 22.30 0.37 -13.15
C TYR A 285 22.64 1.44 -12.11
N VAL A 286 21.66 2.26 -11.71
CA VAL A 286 21.91 3.36 -10.79
C VAL A 286 21.97 2.88 -9.35
N THR A 287 21.28 1.81 -9.01
CA THR A 287 21.34 1.35 -7.66
C THR A 287 22.60 0.52 -7.42
N ASN A 288 23.05 -0.25 -8.39
CA ASN A 288 24.24 -1.09 -8.28
C ASN A 288 24.33 -1.93 -7.02
N ASN A 289 23.23 -2.49 -6.56
CA ASN A 289 23.19 -3.28 -5.35
C ASN A 289 23.82 -2.61 -4.16
N GLU A 290 23.74 -1.32 -4.11
CA GLU A 290 24.30 -0.64 -2.95
C GLU A 290 23.26 0.18 -2.21
N ILE A 291 21.99 0.09 -2.56
CA ILE A 291 20.91 0.73 -1.81
C ILE A 291 20.21 -0.35 -0.98
N LEU A 292 20.26 -0.17 0.34
CA LEU A 292 19.65 -1.11 1.27
C LEU A 292 18.13 -1.17 1.09
N GLY A 293 17.59 -2.39 0.97
CA GLY A 293 16.16 -2.55 0.74
C GLY A 293 15.75 -2.68 -0.70
N LEU A 294 16.68 -2.47 -1.64
CA LEU A 294 16.49 -2.72 -3.06
C LEU A 294 17.51 -3.73 -3.56
N ASN A 295 17.10 -4.53 -4.51
CA ASN A 295 17.97 -5.48 -5.15
C ASN A 295 17.51 -5.67 -6.57
N ASP A 296 18.35 -6.21 -7.40
CA ASP A 296 17.99 -6.36 -8.79
C ASP A 296 16.70 -7.12 -9.13
N GLU A 297 16.37 -8.13 -8.35
CA GLU A 297 15.21 -8.93 -8.63
C GLU A 297 13.98 -8.27 -8.13
N LEU A 298 14.06 -7.58 -7.02
CA LEU A 298 12.95 -6.84 -6.52
C LEU A 298 12.57 -5.66 -7.41
N ILE A 299 13.52 -5.08 -8.09
CA ILE A 299 13.28 -4.04 -9.00
C ILE A 299 12.64 -4.62 -10.24
N GLU A 300 13.08 -5.78 -10.65
CA GLU A 300 12.54 -6.47 -11.80
C GLU A 300 11.10 -6.80 -11.59
N ARG A 301 10.82 -7.39 -10.48
CA ARG A 301 9.46 -7.80 -10.16
C ARG A 301 8.53 -6.60 -9.97
N TYR A 302 9.02 -5.51 -9.39
CA TYR A 302 8.14 -4.38 -9.13
C TYR A 302 7.70 -3.72 -10.43
N ILE A 303 8.65 -3.47 -11.33
CA ILE A 303 8.31 -2.80 -12.59
C ILE A 303 7.35 -3.67 -13.41
N LYS A 304 7.59 -4.98 -13.47
CA LYS A 304 6.72 -5.87 -14.24
C LYS A 304 5.31 -5.88 -13.65
N TYR A 305 5.21 -5.92 -12.32
CA TYR A 305 3.90 -5.88 -11.67
C TYR A 305 3.15 -4.61 -12.02
N LEU A 306 3.85 -3.48 -12.07
CA LEU A 306 3.19 -2.22 -12.42
C LEU A 306 2.66 -2.26 -13.85
N SER A 307 3.43 -2.83 -14.78
CA SER A 307 2.97 -2.83 -16.16
C SER A 307 1.71 -3.66 -16.33
N ASN A 308 1.53 -4.74 -15.54
CA ASN A 308 0.29 -5.52 -15.62
C ASN A 308 -0.91 -4.65 -15.25
N LEU A 309 -0.79 -3.86 -14.19
CA LEU A 309 -1.87 -2.94 -13.81
C LEU A 309 -2.14 -1.93 -14.92
N ARG A 310 -1.08 -1.33 -15.46
CA ARG A 310 -1.25 -0.29 -16.46
C ARG A 310 -1.92 -0.81 -17.72
N LEU A 311 -1.54 -2.00 -18.18
CA LEU A 311 -2.11 -2.54 -19.41
C LEU A 311 -3.56 -2.94 -19.22
N VAL A 312 -3.88 -3.57 -18.09
CA VAL A 312 -5.23 -3.96 -17.69
C VAL A 312 -6.17 -2.76 -17.76
N ALA A 313 -5.66 -1.65 -17.24
CA ALA A 313 -6.43 -0.42 -17.09
C ALA A 313 -6.82 0.21 -18.42
N ILE A 314 -6.15 -0.14 -19.51
CA ILE A 314 -6.58 0.30 -20.83
C ILE A 314 -7.07 -0.89 -21.67
N GLY A 315 -7.47 -1.98 -21.03
CA GLY A 315 -8.10 -3.09 -21.72
C GLY A 315 -7.19 -4.01 -22.49
N LEU A 316 -5.92 -4.07 -22.16
CA LEU A 316 -4.98 -4.91 -22.89
C LEU A 316 -4.47 -6.03 -22.01
N LYS A 317 -4.08 -7.14 -22.64
CA LYS A 317 -3.63 -8.28 -21.84
C LYS A 317 -2.25 -8.00 -21.25
N PRO A 318 -2.05 -8.44 -20.00
CA PRO A 318 -0.75 -8.24 -19.35
C PRO A 318 0.37 -8.99 -20.06
N LEU A 319 1.59 -8.49 -19.88
CA LEU A 319 2.79 -9.13 -20.42
C LEU A 319 3.38 -10.16 -19.45
N TYR A 320 3.22 -9.97 -18.15
CA TYR A 320 3.86 -10.84 -17.15
C TYR A 320 2.82 -11.40 -16.18
N PRO A 321 1.88 -12.23 -16.67
CA PRO A 321 0.79 -12.69 -15.79
C PRO A 321 1.28 -13.53 -14.64
N GLU A 322 2.49 -14.07 -14.70
CA GLU A 322 3.00 -14.93 -13.65
C GLU A 322 3.43 -14.16 -12.41
N ILE A 323 3.50 -12.82 -12.49
CA ILE A 323 3.82 -11.98 -11.34
C ILE A 323 2.52 -11.32 -10.90
N ASN A 324 1.81 -11.95 -9.98
CA ASN A 324 0.50 -11.45 -9.57
C ASN A 324 0.42 -10.86 -8.17
N LYS A 325 1.42 -11.08 -7.32
CA LYS A 325 1.25 -10.35 -6.07
C LYS A 325 2.31 -9.25 -5.96
N HIS A 326 1.86 -8.23 -5.25
CA HIS A 326 2.62 -6.99 -5.14
C HIS A 326 3.91 -7.28 -4.40
N PRO A 327 5.08 -7.07 -5.01
CA PRO A 327 6.33 -7.46 -4.35
C PRO A 327 6.86 -6.46 -3.33
N MET A 328 6.32 -5.23 -3.29
CA MET A 328 6.73 -4.21 -2.34
CA MET A 328 6.73 -4.23 -2.32
C MET A 328 5.49 -3.53 -1.76
N GLU A 329 4.64 -4.30 -1.08
CA GLU A 329 3.32 -3.81 -0.68
C GLU A 329 3.38 -2.58 0.23
N TRP A 330 4.46 -2.44 1.00
CA TRP A 330 4.56 -1.34 1.94
C TRP A 330 4.50 0.03 1.27
N ILE A 331 4.84 0.11 -0.02
CA ILE A 331 4.87 1.39 -0.74
C ILE A 331 3.49 2.06 -0.76
N ASP A 332 2.43 1.26 -0.88
CA ASP A 332 1.11 1.85 -1.10
C ASP A 332 0.68 2.71 0.09
N GLY A 333 0.86 2.19 1.31
CA GLY A 333 0.54 2.99 2.48
C GLY A 333 1.56 4.09 2.71
N PHE A 334 2.84 3.82 2.41
CA PHE A 334 3.90 4.80 2.67
C PHE A 334 3.73 6.05 1.81
N SER A 335 3.33 5.89 0.55
CA SER A 335 3.24 7.02 -0.38
C SER A 335 2.07 7.97 -0.08
N LYS A 336 1.19 7.62 0.85
CA LYS A 336 0.00 8.42 1.11
C LYS A 336 0.31 9.61 2.02
N LEU A 337 -0.48 10.67 1.87
CA LEU A 337 -0.34 11.84 2.72
C LEU A 337 -1.28 11.80 3.92
N GLN B 21 1.58 -0.97 34.21
CA GLN B 21 0.36 -1.66 34.60
C GLN B 21 0.25 -3.10 34.19
N SER B 22 -0.21 -3.96 35.09
CA SER B 22 -0.33 -5.37 34.78
C SER B 22 -1.29 -5.65 33.63
N MET B 23 -0.86 -6.50 32.71
CA MET B 23 -1.67 -6.86 31.57
C MET B 23 -2.65 -7.97 31.99
N LEU B 24 -3.75 -8.16 31.25
CA LEU B 24 -4.83 -9.08 31.61
C LEU B 24 -4.78 -10.34 30.75
N LYS B 25 -4.79 -11.53 31.33
CA LYS B 25 -4.86 -12.67 30.42
C LYS B 25 -6.33 -12.98 30.16
N LYS B 26 -6.57 -13.35 28.94
CA LYS B 26 -7.93 -13.51 28.53
C LYS B 26 -8.69 -14.65 29.15
N MET B 27 -9.99 -14.58 29.00
CA MET B 27 -10.82 -15.73 29.34
C MET B 27 -10.69 -16.81 28.27
N ILE B 28 -11.11 -18.02 28.62
CA ILE B 28 -11.21 -19.11 27.64
C ILE B 28 -12.27 -18.78 26.61
N PHE B 29 -13.43 -18.32 27.08
CA PHE B 29 -14.54 -17.90 26.25
C PHE B 29 -15.18 -16.67 26.87
N ASN B 30 -15.40 -15.62 26.06
CA ASN B 30 -15.93 -14.35 26.56
C ASN B 30 -17.30 -14.15 25.91
N GLU B 31 -18.35 -14.46 26.68
CA GLU B 31 -19.78 -14.38 26.38
C GLU B 31 -20.20 -13.00 25.89
N LYS B 32 -19.63 -12.02 26.58
CA LYS B 32 -19.94 -10.61 26.37
C LYS B 32 -19.10 -9.99 25.27
N GLY B 33 -18.28 -10.78 24.58
CA GLY B 33 -17.45 -10.24 23.52
C GLY B 33 -18.27 -9.89 22.29
N GLN B 34 -17.67 -9.07 21.44
CA GLN B 34 -18.21 -8.56 20.18
C GLN B 34 -17.85 -9.50 19.04
N ARG B 35 -18.57 -9.42 17.92
CA ARG B 35 -18.23 -10.18 16.73
C ARG B 35 -16.92 -9.70 16.12
N GLY B 36 -16.13 -10.64 15.64
CA GLY B 36 -14.93 -10.28 14.91
C GLY B 36 -13.75 -9.94 15.80
N THR B 37 -12.77 -9.28 15.20
CA THR B 37 -11.67 -8.88 16.07
C THR B 37 -11.45 -7.37 15.94
N GLU B 38 -11.21 -6.84 17.12
CA GLU B 38 -11.15 -5.41 17.35
C GLU B 38 -9.73 -4.86 17.34
N SER B 39 -8.80 -5.50 18.05
CA SER B 39 -7.41 -5.05 18.07
C SER B 39 -6.52 -6.23 18.45
N MET B 40 -5.21 -6.01 18.42
CA MET B 40 -4.22 -7.03 18.71
C MET B 40 -4.11 -7.36 20.16
N ILE B 41 -4.15 -6.37 20.97
CA ILE B 41 -4.17 -6.55 22.40
C ILE B 41 -5.32 -5.72 22.94
N ASN B 42 -5.84 -6.13 24.09
CA ASN B 42 -6.90 -5.43 24.82
C ASN B 42 -8.19 -5.29 24.03
N GLY B 43 -8.43 -6.15 23.05
CA GLY B 43 -9.64 -6.07 22.27
C GLY B 43 -10.76 -6.90 22.87
N ASN B 44 -11.99 -6.55 22.54
CA ASN B 44 -12.99 -7.41 23.17
C ASN B 44 -13.50 -8.41 22.14
N THR B 45 -12.88 -9.56 22.40
CA THR B 45 -13.01 -10.74 21.58
C THR B 45 -13.79 -11.82 22.33
N THR B 46 -14.51 -12.65 21.58
CA THR B 46 -15.06 -13.88 22.14
C THR B 46 -14.03 -14.99 22.22
N ASN B 47 -12.99 -14.94 21.38
CA ASN B 47 -12.00 -15.98 21.08
C ASN B 47 -12.52 -17.02 20.11
N LEU B 48 -13.71 -16.86 19.55
CA LEU B 48 -14.17 -17.86 18.60
C LEU B 48 -13.39 -17.74 17.29
N ARG B 49 -13.13 -18.91 16.68
CA ARG B 49 -12.37 -19.03 15.45
C ARG B 49 -13.33 -18.89 14.27
N GLU B 50 -13.35 -17.70 13.64
CA GLU B 50 -14.25 -17.37 12.52
C GLU B 50 -13.46 -16.68 11.41
N TRP B 51 -12.95 -17.48 10.48
CA TRP B 51 -12.00 -16.96 9.50
C TRP B 51 -12.60 -15.99 8.49
N ASN B 52 -13.93 -15.89 8.39
CA ASN B 52 -14.53 -14.92 7.48
C ASN B 52 -15.00 -13.67 8.19
N ARG B 53 -14.58 -13.47 9.44
CA ARG B 53 -14.86 -12.25 10.16
C ARG B 53 -13.57 -11.81 10.88
N ILE B 54 -12.50 -11.60 10.12
CA ILE B 54 -11.22 -11.24 10.70
C ILE B 54 -10.88 -9.80 10.33
N LYS B 55 -9.99 -9.20 11.12
CA LYS B 55 -9.59 -7.82 10.88
C LYS B 55 -8.38 -7.73 9.97
N TYR B 56 -7.40 -8.61 10.16
CA TYR B 56 -6.12 -8.56 9.45
C TYR B 56 -6.18 -9.47 8.23
N SER B 57 -6.37 -8.85 7.07
CA SER B 57 -6.57 -9.71 5.91
C SER B 57 -5.31 -10.47 5.54
N TRP B 58 -4.11 -10.01 5.88
CA TRP B 58 -2.90 -10.78 5.56
C TRP B 58 -2.86 -12.14 6.27
N ALA B 59 -3.66 -12.34 7.33
CA ALA B 59 -3.59 -13.60 8.08
C ALA B 59 -4.05 -14.78 7.24
N SER B 60 -4.99 -14.57 6.31
CA SER B 60 -5.50 -15.64 5.46
C SER B 60 -4.42 -16.21 4.57
N ASP B 61 -3.64 -15.31 3.97
CA ASP B 61 -2.55 -15.73 3.11
C ASP B 61 -1.45 -16.43 3.90
N PHE B 62 -1.14 -15.94 5.11
CA PHE B 62 -0.09 -16.59 5.90
C PHE B 62 -0.53 -17.97 6.37
N TYR B 63 -1.82 -18.14 6.68
CA TYR B 63 -2.35 -19.46 7.04
C TYR B 63 -2.10 -20.46 5.92
N ARG B 64 -2.51 -20.10 4.70
CA ARG B 64 -2.38 -21.02 3.56
C ARG B 64 -0.92 -21.35 3.28
N THR B 65 -0.05 -20.32 3.26
CA THR B 65 1.37 -20.56 2.99
C THR B 65 1.98 -21.51 4.01
N MET B 66 1.72 -21.31 5.26
CA MET B 66 2.32 -22.12 6.23
C MET B 66 1.92 -23.60 6.10
N LEU B 67 0.65 -23.88 5.91
CA LEU B 67 0.20 -25.24 5.71
C LEU B 67 0.81 -25.83 4.49
N ASN B 68 0.92 -25.09 3.43
CA ASN B 68 1.53 -25.63 2.22
C ASN B 68 3.00 -25.99 2.40
N ASN B 69 3.67 -25.47 3.44
CA ASN B 69 5.10 -25.71 3.72
C ASN B 69 5.36 -26.94 4.58
N PHE B 70 4.35 -27.66 5.01
CA PHE B 70 4.53 -28.86 5.84
C PHE B 70 5.57 -29.85 5.36
N TRP B 71 6.39 -30.34 6.27
CA TRP B 71 7.43 -31.32 5.94
C TRP B 71 7.71 -32.17 7.16
N ILE B 72 8.23 -33.37 6.92
CA ILE B 72 8.51 -34.34 7.96
C ILE B 72 10.00 -34.63 7.96
N PRO B 73 10.76 -34.26 9.01
CA PRO B 73 12.23 -34.44 8.97
C PRO B 73 12.69 -35.84 8.57
N GLU B 74 12.06 -36.89 9.11
CA GLU B 74 12.52 -38.26 8.87
C GLU B 74 12.26 -38.73 7.44
N GLU B 75 11.61 -37.93 6.59
CA GLU B 75 11.50 -38.24 5.16
C GLU B 75 12.72 -37.79 4.36
N ILE B 76 13.70 -37.15 4.99
CA ILE B 76 14.94 -36.77 4.32
C ILE B 76 16.03 -37.76 4.71
N SER B 77 16.56 -38.47 3.72
CA SER B 77 17.62 -39.47 3.92
C SER B 77 18.91 -38.82 4.42
N LEU B 78 19.55 -39.39 5.45
CA LEU B 78 20.85 -38.96 5.94
C LEU B 78 21.96 -39.97 5.64
N ASN B 79 21.73 -40.90 4.71
CA ASN B 79 22.69 -41.99 4.49
C ASN B 79 24.07 -41.47 4.11
N GLU B 80 24.14 -40.37 3.34
CA GLU B 80 25.48 -39.92 2.96
C GLU B 80 26.15 -39.15 4.10
N ASP B 81 25.39 -38.46 4.96
CA ASP B 81 25.99 -37.78 6.10
C ASP B 81 26.45 -38.77 7.17
N ILE B 82 25.85 -39.95 7.23
CA ILE B 82 26.37 -40.99 8.11
C ILE B 82 27.81 -41.33 7.74
N LYS B 83 28.11 -41.41 6.44
CA LYS B 83 29.45 -41.69 5.94
C LYS B 83 30.45 -40.59 6.29
N GLN B 84 30.01 -39.33 6.13
CA GLN B 84 30.96 -38.23 6.16
C GLN B 84 31.25 -37.75 7.57
N PHE B 85 30.32 -37.94 8.50
CA PHE B 85 30.51 -37.46 9.87
C PHE B 85 31.82 -37.89 10.52
N PRO B 86 32.29 -39.14 10.39
CA PRO B 86 33.56 -39.51 11.03
C PRO B 86 34.77 -38.79 10.44
N TYR B 87 34.66 -38.17 9.26
CA TYR B 87 35.85 -37.54 8.71
C TYR B 87 35.79 -36.02 8.75
N LEU B 88 34.82 -35.45 9.47
CA LEU B 88 34.91 -34.02 9.81
C LEU B 88 36.14 -33.78 10.68
N THR B 89 36.84 -32.67 10.44
CA THR B 89 37.97 -32.34 11.29
C THR B 89 37.50 -31.99 12.70
N ASP B 90 38.46 -31.88 13.61
CA ASP B 90 38.00 -31.55 14.95
C ASP B 90 37.55 -30.09 15.03
N GLY B 91 38.04 -29.18 14.19
CA GLY B 91 37.49 -27.84 14.16
C GLY B 91 36.09 -27.82 13.58
N GLU B 92 35.82 -28.68 12.60
CA GLU B 92 34.46 -28.78 12.07
C GLU B 92 33.51 -29.36 13.11
N ARG B 93 33.96 -30.39 13.85
CA ARG B 93 33.11 -30.96 14.89
C ARG B 93 32.84 -29.97 16.02
N ASN B 94 33.87 -29.20 16.41
CA ASN B 94 33.70 -28.21 17.47
C ASN B 94 32.59 -27.21 17.14
N ALA B 95 32.52 -26.76 15.88
CA ALA B 95 31.47 -25.84 15.48
C ALA B 95 30.14 -26.55 15.35
N PHE B 96 30.13 -27.75 14.76
CA PHE B 96 28.89 -28.50 14.58
C PHE B 96 28.21 -28.74 15.92
N ASP B 97 28.96 -29.23 16.90
CA ASP B 97 28.38 -29.60 18.19
C ASP B 97 27.80 -28.39 18.91
N LYS B 98 28.56 -27.27 18.97
CA LYS B 98 28.09 -26.12 19.73
C LYS B 98 26.90 -25.43 19.04
N ILE B 99 26.90 -25.37 17.71
CA ILE B 99 25.85 -24.63 17.00
C ILE B 99 24.53 -25.38 17.08
N ILE B 100 24.54 -26.67 16.78
CA ILE B 100 23.36 -27.55 16.83
C ILE B 100 22.75 -27.55 18.22
N SER B 101 23.56 -27.60 19.25
CA SER B 101 23.10 -27.53 20.63
C SER B 101 22.41 -26.19 20.94
N PHE B 102 22.97 -25.08 20.43
CA PHE B 102 22.35 -23.77 20.64
C PHE B 102 21.03 -23.62 19.88
N LEU B 103 20.98 -24.06 18.66
CA LEU B 103 19.79 -24.03 17.86
C LEU B 103 18.68 -24.83 18.54
N ASN B 104 18.99 -25.98 19.08
CA ASN B 104 17.97 -26.76 19.80
C ASN B 104 17.46 -25.98 21.01
N PHE B 105 18.32 -25.22 21.66
CA PHE B 105 17.84 -24.35 22.74
C PHE B 105 16.86 -23.30 22.21
N LEU B 106 17.16 -22.71 21.04
CA LEU B 106 16.31 -21.65 20.51
C LEU B 106 14.92 -22.19 20.19
N ASP B 107 14.85 -23.32 19.51
CA ASP B 107 13.57 -23.93 19.16
C ASP B 107 12.82 -24.42 20.38
N SER B 108 13.50 -24.84 21.40
CA SER B 108 12.70 -25.25 22.56
C SER B 108 12.24 -24.03 23.38
N VAL B 109 12.97 -22.91 23.50
CA VAL B 109 12.37 -21.79 24.24
C VAL B 109 11.25 -21.12 23.44
N GLN B 110 11.33 -21.15 22.15
CA GLN B 110 10.28 -20.60 21.35
C GLN B 110 9.04 -21.46 21.56
N SER B 111 9.24 -22.75 21.62
CA SER B 111 8.08 -23.61 21.89
CA SER B 111 8.14 -23.69 21.95
C SER B 111 7.33 -23.57 23.31
N GLU B 112 8.15 -23.00 24.19
CA GLU B 112 7.66 -22.72 25.55
C GLU B 112 7.04 -21.33 25.65
N ASN B 113 7.61 -20.34 24.95
CA ASN B 113 7.26 -18.94 25.18
C ASN B 113 6.17 -18.43 24.26
N LEU B 114 6.09 -18.91 23.05
CA LEU B 114 5.05 -18.47 22.18
C LEU B 114 3.64 -18.65 22.73
N PRO B 115 3.29 -19.79 23.33
CA PRO B 115 1.96 -19.86 23.96
C PRO B 115 1.75 -18.78 25.01
N ASN B 116 2.82 -18.28 25.65
CA ASN B 116 2.66 -17.20 26.65
C ASN B 116 2.35 -15.86 26.00
N ILE B 117 2.80 -15.67 24.81
CA ILE B 117 2.52 -14.46 24.13
C ILE B 117 1.14 -14.54 23.56
N SER B 118 0.76 -15.67 23.01
CA SER B 118 -0.57 -15.90 22.42
C SER B 118 -1.70 -15.68 23.37
N ARG B 119 -1.51 -15.98 24.64
CA ARG B 119 -2.45 -15.79 25.69
C ARG B 119 -2.87 -14.33 25.95
N TYR B 120 -2.07 -13.36 25.57
CA TYR B 120 -2.45 -12.00 25.73
C TYR B 120 -2.86 -11.42 24.41
N ILE B 121 -2.84 -12.17 23.35
CA ILE B 121 -3.25 -11.64 22.07
C ILE B 121 -4.75 -11.80 21.78
N THR B 122 -5.44 -10.67 21.61
CA THR B 122 -6.89 -10.62 21.40
C THR B 122 -7.42 -10.69 20.02
N ALA B 123 -6.61 -10.99 19.05
CA ALA B 123 -7.07 -11.21 17.71
C ALA B 123 -6.90 -12.71 17.44
N ALA B 124 -8.01 -13.41 17.25
CA ALA B 124 -8.02 -14.87 17.12
C ALA B 124 -7.26 -15.35 15.90
N GLU B 125 -7.28 -14.59 14.80
CA GLU B 125 -6.59 -15.03 13.59
C GLU B 125 -5.07 -14.95 13.74
N VAL B 126 -4.59 -14.17 14.67
CA VAL B 126 -3.20 -14.11 14.94
C VAL B 126 -2.80 -15.27 15.87
N SER B 127 -3.58 -15.46 16.89
CA SER B 127 -3.41 -16.51 17.83
C SER B 127 -3.34 -17.84 17.08
N SER B 128 -4.16 -18.03 16.06
CA SER B 128 -4.10 -19.23 15.25
C SER B 128 -2.73 -19.39 14.58
N LEU B 129 -2.21 -18.28 14.03
CA LEU B 129 -0.93 -18.33 13.35
C LEU B 129 0.24 -18.59 14.30
N LEU B 130 0.12 -18.14 15.53
CA LEU B 130 1.11 -18.37 16.51
C LEU B 130 1.08 -19.84 16.91
N ASN B 131 -0.10 -20.43 16.97
CA ASN B 131 -0.24 -21.86 17.27
C ASN B 131 0.35 -22.73 16.16
N ILE B 132 0.20 -22.33 14.90
CA ILE B 132 0.89 -23.04 13.83
C ILE B 132 2.40 -22.87 13.97
N GLN B 133 2.82 -21.71 14.43
CA GLN B 133 4.21 -21.42 14.65
C GLN B 133 4.79 -22.36 15.68
N THR B 134 4.20 -22.45 16.84
CA THR B 134 4.64 -23.31 17.89
C THR B 134 4.85 -24.75 17.39
N PHE B 135 3.87 -25.24 16.66
CA PHE B 135 3.90 -26.55 16.07
C PHE B 135 5.10 -26.73 15.18
N GLN B 136 5.38 -25.74 14.38
CA GLN B 136 6.51 -25.79 13.52
C GLN B 136 7.85 -25.78 14.30
N GLU B 137 7.89 -25.14 15.43
CA GLU B 137 9.10 -25.09 16.18
C GLU B 137 9.39 -26.50 16.76
N GLU B 138 8.34 -27.22 17.15
CA GLU B 138 8.45 -28.57 17.65
C GLU B 138 9.04 -29.46 16.57
N ILE B 139 8.66 -29.30 15.34
CA ILE B 139 9.25 -30.02 14.27
C ILE B 139 10.74 -29.70 14.14
N HIS B 140 11.12 -28.45 14.22
CA HIS B 140 12.51 -28.07 14.11
C HIS B 140 13.30 -28.75 15.19
N ALA B 141 12.85 -28.67 16.41
CA ALA B 141 13.56 -29.27 17.49
C ALA B 141 13.75 -30.76 17.30
N GLN B 142 12.72 -31.41 16.80
CA GLN B 142 12.77 -32.85 16.57
C GLN B 142 13.76 -33.20 15.47
N SER B 143 13.87 -32.35 14.44
CA SER B 143 14.83 -32.62 13.37
C SER B 143 16.27 -32.68 13.89
N TYR B 144 16.60 -31.99 14.95
CA TYR B 144 17.94 -32.08 15.49
C TYR B 144 18.12 -33.45 16.11
N SER B 145 17.14 -33.92 16.85
CA SER B 145 17.25 -35.27 17.45
C SER B 145 17.39 -36.35 16.38
N TYR B 146 16.66 -36.19 15.26
CA TYR B 146 16.82 -37.14 14.16
C TYR B 146 18.26 -37.12 13.62
N ILE B 147 18.84 -35.94 13.43
CA ILE B 147 20.20 -35.83 12.92
C ILE B 147 21.18 -36.53 13.87
N LEU B 148 21.16 -36.15 15.15
CA LEU B 148 22.21 -36.59 16.07
C LEU B 148 22.09 -38.09 16.33
N ASP B 149 20.87 -38.61 16.41
CA ASP B 149 20.67 -40.03 16.67
C ASP B 149 21.04 -40.91 15.49
N THR B 150 21.05 -40.36 14.27
CA THR B 150 21.35 -41.10 13.05
C THR B 150 22.85 -41.08 12.69
N VAL B 151 23.53 -39.94 12.89
CA VAL B 151 24.90 -39.82 12.41
C VAL B 151 25.96 -40.23 13.43
N THR B 152 25.59 -40.47 14.69
CA THR B 152 26.56 -40.86 15.71
C THR B 152 25.90 -41.76 16.75
N ASN B 153 26.70 -42.21 17.72
CA ASN B 153 26.26 -43.15 18.76
C ASN B 153 25.64 -42.39 19.93
N PRO B 154 24.93 -43.07 20.82
CA PRO B 154 24.20 -42.33 21.88
C PRO B 154 25.09 -41.55 22.85
N ILE B 155 26.29 -42.03 23.17
CA ILE B 155 27.20 -41.34 24.08
C ILE B 155 27.56 -39.98 23.50
N THR B 156 27.96 -39.99 22.23
CA THR B 156 28.31 -38.74 21.55
C THR B 156 27.09 -37.85 21.36
N ARG B 157 25.93 -38.45 21.06
CA ARG B 157 24.68 -37.68 20.92
C ARG B 157 24.40 -36.90 22.19
N ASP B 158 24.53 -37.56 23.34
CA ASP B 158 24.22 -36.91 24.62
C ASP B 158 25.25 -35.83 24.97
N LYS B 159 26.52 -35.99 24.54
CA LYS B 159 27.49 -34.93 24.78
C LYS B 159 27.16 -33.68 23.96
N ILE B 160 26.63 -33.85 22.74
CA ILE B 160 26.22 -32.69 21.94
C ILE B 160 25.01 -31.99 22.56
N TYR B 161 23.98 -32.76 22.93
CA TYR B 161 22.88 -32.21 23.71
C TYR B 161 23.39 -31.34 24.86
N ASP B 162 24.40 -31.84 25.57
CA ASP B 162 24.81 -31.26 26.85
C ASP B 162 25.92 -30.20 26.73
N GLN B 163 26.18 -29.65 25.53
CA GLN B 163 27.28 -28.69 25.41
C GLN B 163 27.11 -27.50 26.35
N TRP B 164 25.86 -27.07 26.58
CA TRP B 164 25.63 -25.90 27.42
C TRP B 164 25.99 -26.15 28.89
N ARG B 165 26.04 -27.41 29.33
CA ARG B 165 26.45 -27.71 30.71
C ARG B 165 27.96 -27.60 30.90
N GLU B 166 28.73 -27.54 29.83
CA GLU B 166 30.12 -27.28 30.15
C GLU B 166 30.81 -26.31 29.20
N ASP B 167 30.03 -25.50 28.48
CA ASP B 167 30.59 -24.37 27.75
C ASP B 167 30.03 -23.09 28.35
N GLU B 168 30.89 -22.29 29.01
CA GLU B 168 30.39 -21.14 29.74
C GLU B 168 29.82 -20.07 28.80
N HIS B 169 30.34 -19.97 27.57
CA HIS B 169 29.77 -19.01 26.60
C HIS B 169 28.35 -19.41 26.19
N LEU B 170 28.14 -20.70 25.91
CA LEU B 170 26.81 -21.14 25.49
C LEU B 170 25.80 -20.98 26.63
N LEU B 171 26.19 -21.33 27.85
CA LEU B 171 25.28 -21.18 28.98
C LEU B 171 24.86 -19.72 29.19
N GLU B 172 25.80 -18.78 29.03
CA GLU B 172 25.48 -17.37 29.20
C GLU B 172 24.53 -16.89 28.11
N ARG B 173 24.72 -17.35 26.87
CA ARG B 173 23.79 -17.01 25.80
C ARG B 173 22.38 -17.49 26.13
N ASN B 174 22.27 -18.70 26.70
CA ASN B 174 20.95 -19.21 27.04
C ASN B 174 20.30 -18.37 28.13
N LYS B 175 21.08 -18.00 29.16
CA LYS B 175 20.52 -17.21 30.26
C LYS B 175 20.05 -15.84 29.78
N PHE B 176 20.79 -15.19 28.91
CA PHE B 176 20.39 -13.88 28.44
C PHE B 176 19.13 -13.91 27.62
N ILE B 177 19.06 -14.81 26.68
CA ILE B 177 17.90 -14.92 25.80
C ILE B 177 16.64 -15.29 26.59
N ALA B 178 16.76 -16.29 27.47
CA ALA B 178 15.61 -16.73 28.26
C ALA B 178 15.18 -15.68 29.28
N GLY B 179 16.13 -14.87 29.76
CA GLY B 179 15.81 -13.89 30.79
C GLY B 179 14.83 -12.82 30.32
N ILE B 180 14.87 -12.49 29.04
CA ILE B 180 13.96 -11.51 28.49
C ILE B 180 12.54 -12.10 28.47
N TYR B 181 12.39 -13.31 27.98
CA TYR B 181 11.11 -13.99 28.00
C TYR B 181 10.60 -14.18 29.43
N GLU B 182 11.47 -14.55 30.32
CA GLU B 182 11.10 -14.79 31.69
C GLU B 182 10.59 -13.55 32.39
N LYS B 183 11.06 -12.38 32.01
CA LYS B 183 10.61 -11.19 32.73
C LYS B 183 9.14 -10.89 32.42
N PHE B 184 8.64 -11.26 31.25
CA PHE B 184 7.21 -11.12 30.98
C PHE B 184 6.42 -12.26 31.62
N ASN B 185 7.01 -13.44 31.65
CA ASN B 185 6.40 -14.60 32.27
C ASN B 185 6.10 -14.32 33.74
N LYS B 186 7.00 -13.64 34.45
CA LYS B 186 6.68 -13.41 35.87
C LYS B 186 6.13 -12.01 36.16
N GLU B 187 6.24 -11.02 35.27
CA GLU B 187 5.60 -9.73 35.53
C GLU B 187 5.01 -9.26 34.21
N PRO B 188 3.80 -9.72 33.98
CA PRO B 188 3.12 -9.46 32.73
C PRO B 188 2.55 -8.09 32.58
N GLU B 189 3.38 -7.16 32.18
CA GLU B 189 3.11 -5.76 32.06
C GLU B 189 3.40 -5.36 30.67
N ILE B 190 2.65 -4.48 30.06
CA ILE B 190 2.89 -3.92 28.74
C ILE B 190 4.31 -3.68 28.24
N HIS B 191 5.13 -3.11 29.10
CA HIS B 191 6.45 -2.78 28.67
C HIS B 191 7.22 -4.06 28.44
N ASN B 192 7.09 -4.99 29.36
CA ASN B 192 7.74 -6.27 29.27
C ASN B 192 7.30 -7.04 28.06
N PHE B 193 6.01 -6.99 27.76
CA PHE B 193 5.44 -7.66 26.64
C PHE B 193 5.99 -7.17 25.33
N LEU B 194 6.16 -5.88 25.18
CA LEU B 194 6.63 -5.34 23.93
C LEU B 194 8.07 -5.70 23.66
N ARG B 195 8.86 -5.75 24.71
CA ARG B 195 10.25 -6.13 24.63
C ARG B 195 10.36 -7.62 24.22
N ALA B 196 9.45 -8.43 24.75
CA ALA B 196 9.42 -9.85 24.43
C ALA B 196 9.22 -10.07 22.95
N ILE B 197 8.31 -9.30 22.37
CA ILE B 197 8.03 -9.38 20.97
C ILE B 197 9.20 -9.01 20.10
N MET B 198 9.97 -8.00 20.49
CA MET B 198 11.15 -7.61 19.74
C MET B 198 12.21 -8.70 19.86
N ALA B 199 12.29 -9.31 21.03
CA ALA B 199 13.23 -10.40 21.26
C ALA B 199 12.94 -11.58 20.32
N ASN B 200 11.68 -11.91 20.12
CA ASN B 200 11.34 -12.93 19.17
C ASN B 200 11.84 -12.63 17.80
N TYR B 201 11.59 -11.43 17.32
CA TYR B 201 12.02 -10.96 16.01
C TYR B 201 13.51 -11.08 15.83
N ILE B 202 14.26 -10.71 16.84
CA ILE B 202 15.69 -10.80 16.83
C ILE B 202 16.11 -12.26 16.72
N LEU B 203 15.62 -13.09 17.63
CA LEU B 203 15.90 -14.54 17.61
C LEU B 203 15.63 -15.13 16.26
N GLU B 204 14.49 -14.87 15.68
CA GLU B 204 14.21 -15.43 14.38
C GLU B 204 14.94 -14.77 13.23
N GLY B 205 15.16 -13.47 13.27
CA GLY B 205 15.82 -12.84 12.17
C GLY B 205 17.34 -12.77 12.19
N ILE B 206 17.94 -12.96 13.34
CA ILE B 206 19.37 -12.88 13.44
C ILE B 206 20.05 -14.16 13.88
N TYR B 207 19.62 -14.72 14.97
CA TYR B 207 20.32 -15.90 15.51
C TYR B 207 20.23 -17.09 14.55
N PHE B 208 19.07 -17.37 13.99
CA PHE B 208 18.98 -18.50 13.09
C PHE B 208 19.70 -18.29 11.81
N TYR B 209 19.64 -17.08 11.30
CA TYR B 209 20.27 -16.80 10.03
C TYR B 209 21.75 -17.02 10.06
N SER B 210 22.37 -16.72 11.18
CA SER B 210 23.80 -16.98 11.33
C SER B 210 24.09 -18.48 11.32
N GLY B 211 23.27 -19.25 12.02
CA GLY B 211 23.48 -20.70 12.07
C GLY B 211 23.33 -21.35 10.70
N PHE B 212 22.38 -20.91 9.90
CA PHE B 212 22.21 -21.47 8.58
C PHE B 212 23.43 -21.30 7.72
N SER B 213 24.12 -20.19 7.81
CA SER B 213 25.28 -19.98 6.95
C SER B 213 26.42 -20.96 7.24
N PHE B 214 26.54 -21.46 8.48
CA PHE B 214 27.53 -22.50 8.74
C PHE B 214 27.21 -23.78 7.98
N PHE B 215 25.99 -24.26 8.11
CA PHE B 215 25.58 -25.50 7.45
C PHE B 215 25.66 -25.38 5.97
N TYR B 216 25.28 -24.25 5.41
CA TYR B 216 25.39 -24.12 4.00
C TYR B 216 26.83 -24.07 3.53
N THR B 217 27.73 -23.49 4.32
CA THR B 217 29.16 -23.44 3.98
C THR B 217 29.77 -24.84 3.89
N LEU B 218 29.43 -25.74 4.79
CA LEU B 218 29.91 -27.11 4.70
C LEU B 218 29.41 -27.75 3.43
N ALA B 219 28.12 -27.65 3.22
CA ALA B 219 27.52 -28.23 2.07
C ALA B 219 28.04 -27.74 0.77
N ARG B 220 28.34 -26.48 0.69
CA ARG B 220 28.89 -25.91 -0.53
C ARG B 220 30.22 -26.54 -0.92
N GLN B 221 31.01 -26.98 0.06
CA GLN B 221 32.25 -27.71 -0.19
C GLN B 221 32.06 -29.22 -0.18
N GLY B 222 30.82 -29.69 -0.11
CA GLY B 222 30.48 -31.10 -0.22
C GLY B 222 30.30 -31.90 1.05
N LYS B 223 30.27 -31.26 2.19
CA LYS B 223 30.11 -31.93 3.43
C LYS B 223 28.74 -31.78 4.02
N MET B 224 28.24 -32.82 4.65
CA MET B 224 26.94 -32.91 5.25
C MET B 224 25.85 -32.25 4.43
N THR B 225 25.72 -32.68 3.21
CA THR B 225 24.77 -32.07 2.28
C THR B 225 23.33 -32.35 2.68
N ALA B 226 23.05 -33.50 3.31
CA ALA B 226 21.68 -33.81 3.68
C ALA B 226 21.21 -33.07 4.93
N THR B 227 22.11 -32.70 5.81
CA THR B 227 21.68 -31.94 6.94
C THR B 227 21.40 -30.52 6.48
N SER B 228 22.15 -30.07 5.53
CA SER B 228 21.94 -28.79 4.96
C SER B 228 20.49 -28.71 4.38
N THR B 229 20.09 -29.75 3.65
CA THR B 229 18.75 -29.88 3.09
C THR B 229 17.72 -29.65 4.16
N ILE B 230 17.89 -30.30 5.29
CA ILE B 230 17.05 -30.10 6.40
C ILE B 230 16.97 -28.64 6.88
N PHE B 231 18.09 -27.92 6.87
CA PHE B 231 18.15 -26.54 7.31
C PHE B 231 17.43 -25.64 6.30
N LYS B 232 17.48 -26.01 5.05
CA LYS B 232 16.73 -25.33 4.05
C LYS B 232 15.22 -25.37 4.35
N TYR B 233 14.69 -26.50 4.82
CA TYR B 233 13.28 -26.56 5.17
C TYR B 233 13.04 -25.70 6.38
N ILE B 234 13.96 -25.73 7.32
CA ILE B 234 13.87 -24.92 8.49
C ILE B 234 13.89 -23.41 8.12
N ASN B 235 14.78 -23.04 7.22
CA ASN B 235 14.93 -21.69 6.72
C ASN B 235 13.62 -21.20 6.09
N ARG B 236 13.01 -22.05 5.27
CA ARG B 236 11.77 -21.73 4.62
C ARG B 236 10.67 -21.42 5.59
N ASP B 237 10.59 -22.08 6.71
CA ASP B 237 9.61 -21.78 7.68
C ASP B 237 9.99 -20.47 8.38
N GLU B 238 11.28 -20.26 8.51
CA GLU B 238 11.82 -19.12 9.19
C GLU B 238 11.35 -17.80 8.63
N VAL B 239 11.43 -17.68 7.34
CA VAL B 239 10.96 -16.53 6.66
C VAL B 239 9.54 -16.17 6.95
N THR B 240 8.63 -17.16 7.06
CA THR B 240 7.26 -16.92 7.38
C THR B 240 7.12 -16.49 8.81
N HIS B 241 8.03 -16.87 9.65
CA HIS B 241 7.93 -16.51 11.03
C HIS B 241 8.35 -15.04 11.21
N LEU B 242 9.20 -14.60 10.32
CA LEU B 242 9.76 -13.27 10.40
C LEU B 242 8.72 -12.28 9.97
N VAL B 243 8.11 -12.49 8.83
CA VAL B 243 7.10 -11.55 8.38
C VAL B 243 5.88 -11.60 9.28
N LEU B 244 5.64 -12.71 9.97
CA LEU B 244 4.56 -12.75 10.97
C LEU B 244 4.82 -11.71 12.06
N PHE B 245 6.03 -11.72 12.63
CA PHE B 245 6.32 -10.75 13.68
C PHE B 245 6.54 -9.34 13.13
N GLN B 246 6.96 -9.21 11.86
CA GLN B 246 6.99 -7.90 11.24
C GLN B 246 5.61 -7.26 11.23
N ASN B 247 4.60 -8.04 10.84
CA ASN B 247 3.25 -7.52 10.76
C ASN B 247 2.64 -7.31 12.15
N ILE B 248 2.96 -8.17 13.11
CA ILE B 248 2.48 -7.96 14.49
C ILE B 248 2.98 -6.62 15.04
N ILE B 249 4.27 -6.34 14.86
CA ILE B 249 4.84 -5.10 15.37
C ILE B 249 4.19 -3.91 14.69
N LYS B 250 3.93 -4.02 13.39
CA LYS B 250 3.38 -2.85 12.71
C LYS B 250 1.91 -2.68 13.05
N GLU B 251 1.13 -3.75 13.30
CA GLU B 251 -0.25 -3.52 13.71
C GLU B 251 -0.30 -2.94 15.11
N LEU B 252 0.59 -3.40 15.99
CA LEU B 252 0.67 -2.86 17.35
C LEU B 252 1.07 -1.38 17.34
N LYS B 253 2.00 -0.99 16.46
CA LYS B 253 2.38 0.41 16.40
C LYS B 253 1.23 1.27 15.88
N ASN B 254 0.48 0.75 14.90
CA ASN B 254 -0.60 1.59 14.40
C ASN B 254 -1.78 1.66 15.37
N GLU B 255 -1.96 0.70 16.28
CA GLU B 255 -3.03 0.75 17.26
C GLU B 255 -2.63 1.32 18.62
N ASN B 256 -1.34 1.58 18.84
CA ASN B 256 -0.86 2.03 20.15
C ASN B 256 0.20 3.11 19.97
N SER B 257 -0.12 4.14 19.16
CA SER B 257 0.91 5.10 18.76
C SER B 257 1.45 5.89 19.95
N HIS B 258 0.64 6.09 20.99
CA HIS B 258 1.11 6.78 22.19
C HIS B 258 2.14 5.97 22.96
N ILE B 259 2.15 4.65 22.79
CA ILE B 259 3.23 4.05 23.56
C ILE B 259 4.45 3.73 22.69
N PHE B 260 4.38 3.78 21.35
CA PHE B 260 5.55 3.75 20.48
C PHE B 260 6.19 5.14 20.41
N THR B 261 6.85 5.52 21.50
CA THR B 261 7.56 6.79 21.57
C THR B 261 8.91 6.66 20.86
N GLU B 262 9.56 7.80 20.61
CA GLU B 262 10.94 7.73 20.09
C GLU B 262 11.85 7.00 21.05
N GLU B 263 11.55 7.03 22.35
CA GLU B 263 12.34 6.34 23.36
C GLU B 263 12.15 4.82 23.31
N LEU B 264 10.91 4.35 23.18
CA LEU B 264 10.68 2.91 23.10
C LEU B 264 11.35 2.34 21.86
N GLU B 265 11.19 3.02 20.72
CA GLU B 265 11.80 2.58 19.48
C GLU B 265 13.32 2.59 19.58
N GLU B 266 13.90 3.52 20.36
CA GLU B 266 15.35 3.48 20.56
C GLU B 266 15.75 2.26 21.37
N GLU B 267 14.92 1.86 22.31
CA GLU B 267 15.12 0.63 23.06
C GLU B 267 15.21 -0.55 22.07
N PHE B 268 14.30 -0.64 21.13
CA PHE B 268 14.35 -1.73 20.16
C PHE B 268 15.62 -1.70 19.37
N ARG B 269 16.06 -0.53 18.96
CA ARG B 269 17.33 -0.46 18.24
C ARG B 269 18.51 -0.97 19.08
N GLN B 270 18.48 -0.71 20.37
CA GLN B 270 19.57 -1.13 21.26
C GLN B 270 19.51 -2.65 21.52
N MET B 271 18.31 -3.19 21.56
CA MET B 271 18.10 -4.61 21.71
C MET B 271 18.72 -5.27 20.51
N MET B 272 18.46 -4.76 19.33
CA MET B 272 19.07 -5.29 18.18
C MET B 272 20.56 -5.19 18.27
N ARG B 273 21.09 -4.05 18.71
CA ARG B 273 22.53 -3.88 18.83
C ARG B 273 23.13 -4.94 19.69
N MET B 274 22.57 -5.18 20.85
CA MET B 274 23.19 -6.19 21.67
C MET B 274 23.10 -7.58 21.06
N GLY B 275 22.05 -7.91 20.33
CA GLY B 275 21.97 -9.19 19.68
C GLY B 275 22.96 -9.34 18.58
N VAL B 276 23.22 -8.28 17.86
CA VAL B 276 24.18 -8.38 16.81
C VAL B 276 25.59 -8.61 17.37
N GLU B 277 25.92 -7.95 18.46
CA GLU B 277 27.24 -8.10 19.08
C GLU B 277 27.41 -9.53 19.60
N HIS B 278 26.46 -10.00 20.36
CA HIS B 278 26.47 -11.37 20.87
C HIS B 278 26.62 -12.42 19.75
N GLU B 279 25.84 -12.31 18.70
CA GLU B 279 25.86 -13.28 17.61
C GLU B 279 27.19 -13.29 16.87
N ILE B 280 27.78 -12.11 16.65
CA ILE B 280 29.09 -12.03 15.99
C ILE B 280 30.15 -12.69 16.85
N GLN B 281 30.22 -12.31 18.13
CA GLN B 281 31.18 -12.92 19.06
C GLN B 281 31.00 -14.43 19.12
N TRP B 282 29.74 -14.89 19.10
CA TRP B 282 29.46 -16.33 19.16
C TRP B 282 29.93 -17.02 17.90
N GLY B 283 29.62 -16.45 16.73
CA GLY B 283 30.03 -17.06 15.49
C GLY B 283 31.53 -17.15 15.35
N GLN B 284 32.25 -16.11 15.78
CA GLN B 284 33.70 -16.17 15.73
C GLN B 284 34.23 -17.20 16.74
N TYR B 285 33.58 -17.31 17.90
CA TYR B 285 34.05 -18.21 18.94
C TYR B 285 33.92 -19.68 18.51
N VAL B 286 32.80 -20.05 17.87
CA VAL B 286 32.61 -21.46 17.52
C VAL B 286 33.38 -21.85 16.26
N THR B 287 33.58 -20.93 15.33
CA THR B 287 34.32 -21.24 14.10
C THR B 287 35.83 -21.29 14.35
N ASN B 288 36.34 -20.29 15.06
CA ASN B 288 37.74 -20.26 15.51
C ASN B 288 38.74 -20.34 14.36
N ASN B 289 38.41 -19.69 13.24
CA ASN B 289 39.28 -19.67 12.04
C ASN B 289 39.63 -21.07 11.55
N GLU B 290 38.74 -22.03 11.77
CA GLU B 290 39.01 -23.40 11.36
C GLU B 290 38.02 -23.89 10.33
N ILE B 291 37.03 -23.09 9.95
CA ILE B 291 36.06 -23.45 8.93
C ILE B 291 36.43 -22.74 7.64
N LEU B 292 36.75 -23.52 6.62
CA LEU B 292 37.17 -22.84 5.40
C LEU B 292 35.94 -22.23 4.71
N GLY B 293 36.17 -20.98 4.29
CA GLY B 293 35.13 -20.15 3.71
C GLY B 293 34.47 -19.18 4.67
N LEU B 294 34.73 -19.28 5.97
CA LEU B 294 34.27 -18.28 6.93
C LEU B 294 35.49 -17.68 7.64
N ASN B 295 35.41 -16.38 7.93
CA ASN B 295 36.42 -15.68 8.71
C ASN B 295 35.72 -14.64 9.60
N ASP B 296 36.51 -14.00 10.46
CA ASP B 296 35.91 -13.13 11.49
C ASP B 296 35.24 -11.90 10.87
N GLU B 297 35.90 -11.25 9.91
CA GLU B 297 35.31 -10.06 9.31
C GLU B 297 34.10 -10.41 8.45
N LEU B 298 34.13 -11.56 7.78
CA LEU B 298 32.98 -11.93 6.96
C LEU B 298 31.75 -12.23 7.84
N ILE B 299 31.96 -12.88 8.99
CA ILE B 299 30.88 -13.08 9.95
C ILE B 299 30.35 -11.75 10.45
N GLU B 300 31.25 -10.82 10.76
CA GLU B 300 30.85 -9.50 11.25
C GLU B 300 30.00 -8.76 10.22
N ARG B 301 30.46 -8.72 8.96
CA ARG B 301 29.76 -7.97 7.93
C ARG B 301 28.37 -8.55 7.65
N TYR B 302 28.25 -9.89 7.71
CA TYR B 302 26.99 -10.53 7.35
C TYR B 302 25.92 -10.23 8.41
N ILE B 303 26.26 -10.40 9.68
CA ILE B 303 25.31 -10.17 10.76
C ILE B 303 24.83 -8.72 10.75
N LYS B 304 25.78 -7.79 10.56
CA LYS B 304 25.43 -6.37 10.53
C LYS B 304 24.53 -6.06 9.34
N TYR B 305 24.84 -6.61 8.16
CA TYR B 305 24.00 -6.38 6.98
C TYR B 305 22.57 -6.90 7.19
N LEU B 306 22.43 -8.09 7.78
CA LEU B 306 21.09 -8.61 8.04
C LEU B 306 20.33 -7.73 9.02
N SER B 307 21.02 -7.21 10.04
CA SER B 307 20.61 -6.22 11.03
C SER B 307 19.84 -5.08 10.38
N ASN B 308 20.54 -4.57 9.35
CA ASN B 308 20.04 -3.39 8.67
C ASN B 308 18.68 -3.69 8.01
N LEU B 309 18.57 -4.83 7.30
CA LEU B 309 17.31 -5.22 6.68
C LEU B 309 16.21 -5.42 7.71
N ARG B 310 16.50 -6.11 8.82
CA ARG B 310 15.44 -6.40 9.80
C ARG B 310 14.89 -5.10 10.41
N LEU B 311 15.76 -4.12 10.68
CA LEU B 311 15.28 -2.87 11.28
C LEU B 311 14.48 -2.04 10.28
N VAL B 312 14.94 -1.95 9.03
CA VAL B 312 14.25 -1.19 8.00
C VAL B 312 12.84 -1.72 7.79
N ALA B 313 12.70 -3.06 7.83
CA ALA B 313 11.41 -3.69 7.59
C ALA B 313 10.40 -3.37 8.69
N ILE B 314 10.83 -2.96 9.87
CA ILE B 314 9.88 -2.48 10.87
C ILE B 314 9.95 -0.96 11.01
N GLY B 315 10.49 -0.27 10.01
CA GLY B 315 10.44 1.18 10.00
C GLY B 315 11.42 1.85 10.94
N LEU B 316 12.53 1.20 11.26
CA LEU B 316 13.52 1.76 12.16
C LEU B 316 14.82 2.01 11.42
N LYS B 317 15.56 3.03 11.88
CA LYS B 317 16.76 3.33 11.14
C LYS B 317 17.85 2.31 11.46
N PRO B 318 18.60 1.92 10.43
CA PRO B 318 19.66 0.93 10.63
C PRO B 318 20.76 1.42 11.55
N LEU B 319 21.46 0.47 12.14
CA LEU B 319 22.58 0.70 13.04
C LEU B 319 23.91 0.88 12.31
N TYR B 320 24.05 0.29 11.12
CA TYR B 320 25.32 0.25 10.39
C TYR B 320 25.12 0.85 9.00
N PRO B 321 24.94 2.17 8.94
CA PRO B 321 24.57 2.80 7.66
C PRO B 321 25.57 2.57 6.55
N GLU B 322 26.81 2.20 6.88
CA GLU B 322 27.83 2.02 5.85
C GLU B 322 27.78 0.64 5.20
N ILE B 323 26.99 -0.29 5.73
CA ILE B 323 26.98 -1.60 5.08
C ILE B 323 25.65 -1.80 4.37
N ASN B 324 25.67 -1.42 3.09
CA ASN B 324 24.48 -1.45 2.25
C ASN B 324 24.50 -2.58 1.22
N LYS B 325 25.63 -3.27 1.04
CA LYS B 325 25.78 -4.35 0.07
C LYS B 325 25.75 -5.70 0.77
N HIS B 326 25.10 -6.69 0.14
CA HIS B 326 25.05 -8.05 0.66
C HIS B 326 26.43 -8.69 0.56
N PRO B 327 27.06 -9.10 1.67
CA PRO B 327 28.43 -9.66 1.58
C PRO B 327 28.51 -11.14 1.22
N MET B 328 27.45 -11.94 1.37
CA MET B 328 27.48 -13.36 1.01
C MET B 328 26.34 -13.69 0.05
N GLU B 329 26.25 -12.97 -1.08
CA GLU B 329 25.05 -13.05 -1.89
C GLU B 329 24.73 -14.47 -2.40
N TRP B 330 25.70 -15.38 -2.45
CA TRP B 330 25.41 -16.74 -2.92
C TRP B 330 24.42 -17.48 -2.03
N ILE B 331 24.31 -17.09 -0.76
CA ILE B 331 23.42 -17.79 0.17
C ILE B 331 21.98 -17.70 -0.28
N ASP B 332 21.59 -16.56 -0.86
CA ASP B 332 20.16 -16.43 -1.12
C ASP B 332 19.71 -17.41 -2.20
N GLY B 333 20.50 -17.66 -3.24
CA GLY B 333 20.14 -18.70 -4.19
C GLY B 333 20.37 -20.10 -3.65
N PHE B 334 21.42 -20.28 -2.84
CA PHE B 334 21.75 -21.61 -2.33
C PHE B 334 20.64 -22.14 -1.42
N SER B 335 20.04 -21.29 -0.60
CA SER B 335 19.06 -21.70 0.40
C SER B 335 17.72 -22.12 -0.21
N LYS B 336 17.54 -21.96 -1.51
CA LYS B 336 16.19 -22.28 -1.99
C LYS B 336 16.09 -23.75 -2.38
N LEU B 337 14.85 -24.20 -2.32
CA LEU B 337 14.55 -25.62 -2.57
C LEU B 337 14.18 -25.89 -4.03
N MET C 23 10.25 31.36 -39.27
CA MET C 23 10.50 31.00 -37.90
C MET C 23 10.21 29.53 -37.64
N LEU C 24 11.17 28.81 -37.09
CA LEU C 24 10.72 27.47 -36.79
C LEU C 24 10.72 27.14 -35.32
N LYS C 25 9.86 26.20 -35.04
CA LYS C 25 9.52 25.85 -33.70
C LYS C 25 10.57 24.98 -33.09
N LYS C 26 10.64 25.04 -31.80
CA LYS C 26 11.59 24.27 -31.08
C LYS C 26 11.47 22.78 -31.21
N MET C 27 12.58 22.09 -30.95
CA MET C 27 12.57 20.65 -30.73
C MET C 27 11.96 20.36 -29.37
N ILE C 28 11.65 19.11 -29.12
CA ILE C 28 11.14 18.73 -27.84
C ILE C 28 12.29 18.81 -26.83
N PHE C 29 13.41 18.18 -27.16
CA PHE C 29 14.63 18.24 -26.36
C PHE C 29 15.80 18.34 -27.33
N ASN C 30 16.71 19.28 -27.06
CA ASN C 30 17.84 19.55 -27.96
C ASN C 30 19.13 19.19 -27.21
N GLU C 31 19.68 18.01 -27.52
CA GLU C 31 20.88 17.54 -26.84
C GLU C 31 22.09 18.40 -27.18
N LYS C 32 22.06 19.09 -28.33
CA LYS C 32 23.12 20.00 -28.76
C LYS C 32 22.99 21.40 -28.17
N GLY C 33 22.02 21.65 -27.30
CA GLY C 33 21.88 22.96 -26.71
C GLY C 33 22.97 23.25 -25.69
N GLN C 34 23.14 24.52 -25.37
CA GLN C 34 24.12 24.89 -24.37
C GLN C 34 23.43 25.09 -23.03
N ARG C 35 24.23 25.19 -21.98
CA ARG C 35 23.71 25.38 -20.63
C ARG C 35 23.06 26.76 -20.49
N GLY C 36 21.93 26.80 -19.78
CA GLY C 36 21.28 28.06 -19.49
C GLY C 36 20.39 28.60 -20.60
N THR C 37 20.10 29.89 -20.51
CA THR C 37 19.25 30.58 -21.46
C THR C 37 20.10 31.63 -22.18
N GLU C 38 20.05 31.62 -23.50
CA GLU C 38 20.84 32.53 -24.33
C GLU C 38 20.05 33.75 -24.80
N SER C 39 18.83 33.55 -25.26
CA SER C 39 17.99 34.64 -25.74
C SER C 39 16.52 34.30 -25.73
N MET C 40 15.68 35.29 -25.89
CA MET C 40 14.23 35.08 -25.87
C MET C 40 13.70 34.29 -27.02
N ILE C 41 14.20 34.61 -28.18
CA ILE C 41 13.91 33.87 -29.37
C ILE C 41 15.21 33.57 -30.06
N ASN C 42 15.21 32.53 -30.84
CA ASN C 42 16.33 32.01 -31.60
C ASN C 42 17.54 31.54 -30.80
N GLY C 43 17.37 31.24 -29.55
CA GLY C 43 18.51 30.84 -28.75
C GLY C 43 18.76 29.35 -28.80
N ASN C 44 20.02 28.98 -28.54
CA ASN C 44 20.47 27.59 -28.57
C ASN C 44 20.24 27.00 -27.18
N THR C 45 19.03 26.50 -26.94
CA THR C 45 18.62 26.02 -25.63
C THR C 45 18.34 24.51 -25.68
N THR C 46 18.46 23.87 -24.50
CA THR C 46 18.08 22.47 -24.37
C THR C 46 16.58 22.27 -24.12
N ASN C 47 15.91 23.30 -23.58
CA ASN C 47 14.55 23.34 -23.04
C ASN C 47 14.45 22.75 -21.65
N LEU C 48 15.56 22.33 -21.01
CA LEU C 48 15.48 21.82 -19.65
C LEU C 48 15.12 22.95 -18.69
N ARG C 49 14.33 22.60 -17.68
CA ARG C 49 13.93 23.51 -16.60
C ARG C 49 15.01 23.50 -15.52
N GLU C 50 15.80 24.58 -15.45
CA GLU C 50 16.86 24.68 -14.44
C GLU C 50 16.78 26.11 -13.88
N TRP C 51 16.01 26.27 -12.81
CA TRP C 51 15.68 27.59 -12.31
C TRP C 51 16.84 28.33 -11.65
N ASN C 52 17.97 27.69 -11.38
CA ASN C 52 19.15 28.39 -10.90
C ASN C 52 20.16 28.65 -12.03
N ARG C 53 19.72 28.49 -13.28
CA ARG C 53 20.53 28.81 -14.47
C ARG C 53 19.67 29.59 -15.47
N ILE C 54 19.13 30.72 -15.05
CA ILE C 54 18.21 31.47 -15.90
C ILE C 54 18.86 32.78 -16.33
N LYS C 55 18.35 33.34 -17.42
CA LYS C 55 18.92 34.59 -17.89
C LYS C 55 18.21 35.78 -17.28
N TYR C 56 16.90 35.76 -17.24
CA TYR C 56 16.14 36.85 -16.75
C TYR C 56 15.81 36.70 -15.30
N SER C 57 16.46 37.45 -14.45
CA SER C 57 16.30 37.63 -13.02
C SER C 57 14.83 37.62 -12.60
N TRP C 58 14.13 38.50 -13.32
CA TRP C 58 12.75 38.83 -12.96
C TRP C 58 11.80 37.64 -13.10
N ALA C 59 12.17 36.59 -13.85
CA ALA C 59 11.24 35.46 -14.02
C ALA C 59 11.02 34.72 -12.70
N SER C 60 12.04 34.71 -11.84
CA SER C 60 11.99 34.04 -10.55
C SER C 60 10.98 34.68 -9.60
N ASP C 61 10.97 36.02 -9.54
CA ASP C 61 9.97 36.59 -8.64
C ASP C 61 8.57 36.53 -9.22
N PHE C 62 8.38 36.53 -10.55
CA PHE C 62 7.01 36.36 -11.07
C PHE C 62 6.49 34.95 -10.79
N TYR C 63 7.37 33.95 -10.88
CA TYR C 63 6.96 32.58 -10.57
C TYR C 63 6.36 32.52 -9.19
N ARG C 64 7.06 33.07 -8.23
CA ARG C 64 6.64 33.09 -6.89
C ARG C 64 5.35 33.80 -6.67
N THR C 65 5.23 35.01 -7.17
CA THR C 65 4.00 35.78 -7.01
C THR C 65 2.81 35.05 -7.63
N MET C 66 3.02 34.40 -8.78
CA MET C 66 1.88 33.78 -9.46
C MET C 66 1.35 32.58 -8.69
N LEU C 67 2.23 31.72 -8.12
CA LEU C 67 1.73 30.59 -7.32
C LEU C 67 1.04 31.05 -6.05
N ASN C 68 1.54 32.13 -5.42
CA ASN C 68 0.90 32.67 -4.22
C ASN C 68 -0.47 33.29 -4.47
N ASN C 69 -0.82 33.59 -5.72
CA ASN C 69 -2.11 34.17 -6.07
C ASN C 69 -3.20 33.12 -6.35
N PHE C 70 -2.91 31.82 -6.13
CA PHE C 70 -3.83 30.75 -6.51
C PHE C 70 -5.17 30.89 -5.78
N TRP C 71 -6.27 30.66 -6.52
CA TRP C 71 -7.61 30.73 -5.95
C TRP C 71 -8.53 29.79 -6.73
N ILE C 72 -9.60 29.35 -6.11
CA ILE C 72 -10.56 28.43 -6.72
C ILE C 72 -11.91 29.12 -6.77
N PRO C 73 -12.42 29.38 -7.95
CA PRO C 73 -13.67 30.14 -8.07
C PRO C 73 -14.81 29.61 -7.20
N GLU C 74 -15.05 28.31 -7.18
CA GLU C 74 -16.12 27.73 -6.38
C GLU C 74 -15.99 27.88 -4.89
N GLU C 75 -14.88 28.35 -4.41
CA GLU C 75 -14.80 28.66 -2.97
C GLU C 75 -15.39 30.02 -2.63
N ILE C 76 -15.81 30.81 -3.62
CA ILE C 76 -16.41 32.11 -3.38
C ILE C 76 -17.92 31.96 -3.47
N SER C 77 -18.61 32.19 -2.36
CA SER C 77 -20.05 31.99 -2.27
C SER C 77 -20.81 33.06 -3.03
N LEU C 78 -21.84 32.62 -3.78
CA LEU C 78 -22.68 33.51 -4.57
C LEU C 78 -24.10 33.62 -4.06
N ASN C 79 -24.36 33.25 -2.79
CA ASN C 79 -25.74 33.17 -2.31
C ASN C 79 -26.48 34.50 -2.45
N GLU C 80 -25.82 35.63 -2.18
CA GLU C 80 -26.55 36.89 -2.29
C GLU C 80 -26.72 37.34 -3.74
N ASP C 81 -25.81 36.96 -4.64
CA ASP C 81 -26.01 37.33 -6.04
C ASP C 81 -27.15 36.54 -6.67
N ILE C 82 -27.44 35.35 -6.15
CA ILE C 82 -28.60 34.61 -6.63
C ILE C 82 -29.87 35.41 -6.39
N LYS C 83 -29.96 36.08 -5.23
CA LYS C 83 -31.19 36.83 -5.00
C LYS C 83 -31.23 38.11 -5.83
N GLN C 84 -30.11 38.73 -6.16
CA GLN C 84 -30.16 40.02 -6.83
C GLN C 84 -30.32 39.93 -8.34
N PHE C 85 -29.83 38.86 -8.96
CA PHE C 85 -29.88 38.74 -10.41
C PHE C 85 -31.27 38.95 -11.01
N PRO C 86 -32.37 38.41 -10.46
CA PRO C 86 -33.68 38.65 -11.07
C PRO C 86 -34.14 40.10 -11.00
N TYR C 87 -33.50 40.94 -10.18
CA TYR C 87 -33.93 42.31 -9.98
C TYR C 87 -33.09 43.34 -10.73
N LEU C 88 -32.06 42.90 -11.45
CA LEU C 88 -31.35 43.82 -12.33
C LEU C 88 -32.31 44.33 -13.40
N THR C 89 -32.19 45.61 -13.75
CA THR C 89 -33.02 46.21 -14.80
C THR C 89 -32.69 45.58 -16.15
N ASP C 90 -33.53 45.84 -17.16
CA ASP C 90 -33.21 45.26 -18.45
C ASP C 90 -31.92 45.85 -19.02
N GLY C 91 -31.62 47.12 -18.77
CA GLY C 91 -30.36 47.68 -19.22
C GLY C 91 -29.15 47.09 -18.52
N GLU C 92 -29.29 46.79 -17.22
CA GLU C 92 -28.16 46.16 -16.54
C GLU C 92 -27.97 44.72 -17.01
N ARG C 93 -29.05 43.99 -17.26
CA ARG C 93 -28.93 42.66 -17.82
C ARG C 93 -28.31 42.70 -19.21
N ASN C 94 -28.70 43.70 -20.03
CA ASN C 94 -28.15 43.83 -21.37
C ASN C 94 -26.62 43.96 -21.34
N ALA C 95 -26.10 44.76 -20.41
CA ALA C 95 -24.65 44.93 -20.34
C ALA C 95 -23.98 43.68 -19.78
N PHE C 96 -24.56 43.08 -18.73
CA PHE C 96 -24.01 41.89 -18.10
C PHE C 96 -23.84 40.75 -19.11
N ASP C 97 -24.89 40.44 -19.88
CA ASP C 97 -24.84 39.30 -20.79
C ASP C 97 -23.78 39.46 -21.85
N LYS C 98 -23.74 40.63 -22.49
CA LYS C 98 -22.81 40.80 -23.60
C LYS C 98 -21.38 40.90 -23.11
N ILE C 99 -21.15 41.47 -21.92
CA ILE C 99 -19.79 41.63 -21.40
C ILE C 99 -19.24 40.28 -20.96
N ILE C 100 -20.02 39.51 -20.20
CA ILE C 100 -19.49 38.27 -19.66
C ILE C 100 -19.25 37.26 -20.78
N SER C 101 -20.06 37.33 -21.84
CA SER C 101 -19.81 36.46 -22.98
C SER C 101 -18.54 36.88 -23.72
N PHE C 102 -18.27 38.17 -23.86
CA PHE C 102 -17.05 38.65 -24.51
C PHE C 102 -15.81 38.29 -23.69
N LEU C 103 -15.87 38.45 -22.37
CA LEU C 103 -14.72 38.10 -21.54
C LEU C 103 -14.44 36.59 -21.60
N ASN C 104 -15.47 35.77 -21.76
CA ASN C 104 -15.28 34.35 -21.91
C ASN C 104 -14.62 34.05 -23.21
N PHE C 105 -14.93 34.78 -24.23
CA PHE C 105 -14.20 34.63 -25.49
C PHE C 105 -12.73 35.01 -25.34
N LEU C 106 -12.44 36.08 -24.59
CA LEU C 106 -11.05 36.52 -24.47
C LEU C 106 -10.22 35.48 -23.72
N ASP C 107 -10.71 35.02 -22.61
CA ASP C 107 -10.05 34.02 -21.85
C ASP C 107 -9.89 32.69 -22.60
N SER C 108 -10.81 32.35 -23.50
CA SER C 108 -10.65 31.10 -24.26
C SER C 108 -9.61 31.24 -25.37
N VAL C 109 -9.55 32.36 -26.10
CA VAL C 109 -8.51 32.52 -27.12
C VAL C 109 -7.14 32.68 -26.50
N GLN C 110 -7.05 33.14 -25.28
CA GLN C 110 -5.79 33.21 -24.63
C GLN C 110 -5.30 31.78 -24.29
N SER C 111 -6.19 30.91 -23.81
CA SER C 111 -6.02 29.49 -23.53
C SER C 111 -5.41 28.74 -24.71
N GLU C 112 -5.96 29.10 -25.88
CA GLU C 112 -5.50 28.43 -27.09
C GLU C 112 -4.24 29.07 -27.66
N ASN C 113 -4.06 30.36 -27.60
CA ASN C 113 -2.93 30.99 -28.23
C ASN C 113 -1.63 31.14 -27.43
N LEU C 114 -1.71 31.22 -26.11
CA LEU C 114 -0.54 31.32 -25.29
C LEU C 114 0.39 30.16 -25.56
N PRO C 115 -0.12 28.96 -25.68
CA PRO C 115 0.78 27.85 -25.97
C PRO C 115 1.45 28.02 -27.29
N ASN C 116 0.79 28.75 -28.14
CA ASN C 116 1.29 28.96 -29.44
C ASN C 116 2.46 29.84 -29.50
N ILE C 117 2.45 30.82 -28.65
CA ILE C 117 3.50 31.77 -28.53
C ILE C 117 4.67 31.14 -27.80
N SER C 118 4.42 30.42 -26.71
CA SER C 118 5.49 29.78 -25.98
C SER C 118 6.36 28.83 -26.78
N ARG C 119 5.83 28.16 -27.76
CA ARG C 119 6.58 27.30 -28.59
C ARG C 119 7.75 27.91 -29.38
N TYR C 120 7.83 29.21 -29.60
CA TYR C 120 8.97 29.80 -30.24
C TYR C 120 9.84 30.52 -29.27
N ILE C 121 9.42 30.62 -28.04
CA ILE C 121 10.22 31.27 -27.05
C ILE C 121 11.29 30.33 -26.59
N THR C 122 12.55 30.75 -26.68
CA THR C 122 13.70 29.94 -26.32
C THR C 122 14.28 30.14 -24.94
N ALA C 123 13.54 30.75 -24.06
CA ALA C 123 13.96 30.95 -22.72
C ALA C 123 13.03 30.13 -21.86
N ALA C 124 13.51 28.99 -21.36
CA ALA C 124 12.67 28.03 -20.66
C ALA C 124 11.98 28.65 -19.47
N GLU C 125 12.63 29.61 -18.81
CA GLU C 125 12.01 30.25 -17.67
C GLU C 125 10.85 31.13 -18.10
N VAL C 126 10.83 31.56 -19.33
CA VAL C 126 9.72 32.35 -19.78
C VAL C 126 8.59 31.42 -20.20
N SER C 127 8.90 30.35 -20.91
CA SER C 127 7.93 29.31 -21.25
C SER C 127 7.17 28.84 -20.01
N SER C 128 7.91 28.63 -18.92
CA SER C 128 7.27 28.20 -17.68
CA SER C 128 7.27 28.20 -17.68
C SER C 128 6.22 29.21 -17.23
N LEU C 129 6.55 30.51 -17.29
CA LEU C 129 5.59 31.55 -16.87
C LEU C 129 4.38 31.65 -17.80
N LEU C 130 4.56 31.44 -19.11
CA LEU C 130 3.41 31.41 -20.00
C LEU C 130 2.54 30.19 -19.75
N ASN C 131 3.14 29.06 -19.36
CA ASN C 131 2.36 27.88 -19.02
C ASN C 131 1.52 28.10 -17.76
N ILE C 132 2.09 28.79 -16.77
CA ILE C 132 1.33 29.18 -15.59
C ILE C 132 0.22 30.16 -15.97
N GLN C 133 0.48 31.02 -16.91
CA GLN C 133 -0.50 31.98 -17.33
C GLN C 133 -1.67 31.29 -18.01
N THR C 134 -1.36 30.35 -18.87
CA THR C 134 -2.39 29.59 -19.58
C THR C 134 -3.34 28.91 -18.60
N PHE C 135 -2.80 28.31 -17.55
CA PHE C 135 -3.60 27.66 -16.52
C PHE C 135 -4.54 28.65 -15.84
N GLN C 136 -4.03 29.83 -15.56
CA GLN C 136 -4.80 30.86 -14.93
C GLN C 136 -5.97 31.32 -15.81
N GLU C 137 -5.77 31.32 -17.12
CA GLU C 137 -6.84 31.73 -18.01
C GLU C 137 -7.98 30.69 -17.97
N GLU C 138 -7.63 29.41 -17.93
CA GLU C 138 -8.61 28.35 -17.81
C GLU C 138 -9.40 28.54 -16.56
N ILE C 139 -8.79 28.98 -15.50
CA ILE C 139 -9.51 29.17 -14.28
C ILE C 139 -10.49 30.33 -14.42
N HIS C 140 -10.10 31.29 -15.19
CA HIS C 140 -10.92 32.45 -15.39
C HIS C 140 -12.16 32.09 -16.13
N ALA C 141 -11.96 31.38 -17.22
CA ALA C 141 -13.08 30.97 -18.06
C ALA C 141 -14.04 30.11 -17.27
N GLN C 142 -13.54 29.25 -16.40
CA GLN C 142 -14.35 28.40 -15.58
C GLN C 142 -15.17 29.19 -14.60
N SER C 143 -14.60 30.26 -14.11
CA SER C 143 -15.34 31.10 -13.18
C SER C 143 -16.60 31.68 -13.81
N TYR C 144 -16.58 31.95 -15.12
CA TYR C 144 -17.80 32.43 -15.76
C TYR C 144 -18.88 31.35 -15.81
N SER C 145 -18.49 30.09 -16.03
CA SER C 145 -19.43 28.98 -16.01
C SER C 145 -20.01 28.85 -14.64
N TYR C 146 -19.21 28.99 -13.62
CA TYR C 146 -19.72 28.93 -12.25
C TYR C 146 -20.72 30.06 -11.98
N ILE C 147 -20.41 31.28 -12.43
CA ILE C 147 -21.34 32.40 -12.23
C ILE C 147 -22.68 32.13 -12.92
N LEU C 148 -22.63 31.82 -14.23
CA LEU C 148 -23.86 31.71 -15.00
C LEU C 148 -24.71 30.52 -14.57
N ASP C 149 -24.08 29.40 -14.23
CA ASP C 149 -24.84 28.23 -13.84
C ASP C 149 -25.45 28.36 -12.44
N THR C 150 -24.91 29.24 -11.61
CA THR C 150 -25.43 29.38 -10.25
C THR C 150 -26.53 30.43 -10.13
N VAL C 151 -26.44 31.55 -10.87
CA VAL C 151 -27.38 32.64 -10.68
C VAL C 151 -28.58 32.59 -11.60
N THR C 152 -28.61 31.68 -12.58
CA THR C 152 -29.76 31.62 -13.48
C THR C 152 -29.97 30.18 -13.96
N ASN C 153 -31.03 30.00 -14.74
CA ASN C 153 -31.44 28.68 -15.20
C ASN C 153 -30.68 28.31 -16.48
N PRO C 154 -30.73 27.05 -16.90
CA PRO C 154 -29.89 26.65 -18.05
C PRO C 154 -30.21 27.37 -19.34
N ILE C 155 -31.49 27.65 -19.63
CA ILE C 155 -31.79 28.29 -20.92
C ILE C 155 -31.22 29.70 -20.96
N THR C 156 -31.35 30.47 -19.89
CA THR C 156 -30.75 31.81 -19.84
C THR C 156 -29.22 31.72 -19.84
N ARG C 157 -28.66 30.72 -19.16
CA ARG C 157 -27.21 30.53 -19.17
C ARG C 157 -26.71 30.34 -20.60
N ASP C 158 -27.41 29.49 -21.37
CA ASP C 158 -27.01 29.19 -22.73
C ASP C 158 -27.21 30.38 -23.67
N LYS C 159 -28.22 31.21 -23.41
CA LYS C 159 -28.33 32.35 -24.31
C LYS C 159 -27.27 33.41 -24.01
N ILE C 160 -26.72 33.49 -22.79
CA ILE C 160 -25.59 34.37 -22.53
C ILE C 160 -24.32 33.83 -23.20
N TYR C 161 -24.05 32.55 -23.11
CA TYR C 161 -22.94 31.97 -23.81
C TYR C 161 -22.98 32.22 -25.32
N ASP C 162 -24.15 32.27 -25.88
CA ASP C 162 -24.34 32.36 -27.34
C ASP C 162 -24.58 33.79 -27.85
N GLN C 163 -24.30 34.82 -27.04
CA GLN C 163 -24.56 36.19 -27.47
C GLN C 163 -23.87 36.52 -28.79
N TRP C 164 -22.69 35.99 -29.01
CA TRP C 164 -21.98 36.24 -30.24
C TRP C 164 -22.66 35.68 -31.45
N ARG C 165 -23.54 34.72 -31.29
CA ARG C 165 -24.22 34.16 -32.42
C ARG C 165 -25.40 35.06 -32.85
N GLU C 166 -25.83 35.96 -31.99
CA GLU C 166 -26.99 36.79 -32.25
C GLU C 166 -26.67 38.28 -32.26
N ASP C 167 -25.44 38.68 -31.96
CA ASP C 167 -25.07 40.09 -31.94
C ASP C 167 -23.96 40.30 -32.97
N GLU C 168 -24.28 41.00 -34.06
CA GLU C 168 -23.37 41.23 -35.18
C GLU C 168 -22.13 42.02 -34.76
N HIS C 169 -22.32 42.96 -33.82
CA HIS C 169 -21.19 43.76 -33.34
C HIS C 169 -20.21 42.91 -32.56
N LEU C 170 -20.71 42.04 -31.66
CA LEU C 170 -19.84 41.19 -30.87
C LEU C 170 -19.11 40.19 -31.76
N LEU C 171 -19.81 39.62 -32.74
CA LEU C 171 -19.14 38.69 -33.65
C LEU C 171 -17.97 39.38 -34.35
N GLU C 172 -18.16 40.64 -34.75
CA GLU C 172 -17.04 41.18 -35.50
C GLU C 172 -15.88 41.59 -34.58
N ARG C 173 -16.06 41.89 -33.29
CA ARG C 173 -14.93 42.02 -32.38
C ARG C 173 -14.17 40.70 -32.26
N ASN C 174 -14.89 39.58 -32.22
CA ASN C 174 -14.25 38.28 -32.05
C ASN C 174 -13.36 37.94 -33.24
N LYS C 175 -13.88 38.15 -34.45
CA LYS C 175 -13.09 37.85 -35.65
C LYS C 175 -11.85 38.73 -35.72
N PHE C 176 -11.96 39.96 -35.29
CA PHE C 176 -10.85 40.86 -35.37
C PHE C 176 -9.75 40.47 -34.43
N ILE C 177 -10.10 40.25 -33.20
CA ILE C 177 -9.10 39.91 -32.18
C ILE C 177 -8.46 38.55 -32.50
N ALA C 178 -9.29 37.56 -32.85
CA ALA C 178 -8.77 36.24 -33.17
C ALA C 178 -7.95 36.27 -34.46
N GLY C 179 -8.27 37.20 -35.36
CA GLY C 179 -7.55 37.28 -36.63
C GLY C 179 -6.09 37.64 -36.49
N ILE C 180 -5.72 38.41 -35.48
CA ILE C 180 -4.32 38.78 -35.33
C ILE C 180 -3.55 37.55 -34.86
N TYR C 181 -4.08 36.86 -33.87
CA TYR C 181 -3.45 35.67 -33.41
C TYR C 181 -3.44 34.62 -34.49
N GLU C 182 -4.49 34.54 -35.30
CA GLU C 182 -4.58 33.52 -36.33
C GLU C 182 -3.57 33.72 -37.47
N LYS C 183 -3.15 34.96 -37.73
CA LYS C 183 -2.16 35.20 -38.76
C LYS C 183 -0.83 34.55 -38.45
N PHE C 184 -0.44 34.58 -37.16
CA PHE C 184 0.80 33.92 -36.76
C PHE C 184 0.64 32.41 -36.66
N ASN C 185 -0.54 31.95 -36.20
CA ASN C 185 -0.81 30.51 -36.17
C ASN C 185 -0.61 29.88 -37.55
N LYS C 186 -1.05 30.57 -38.61
CA LYS C 186 -0.92 29.97 -39.94
C LYS C 186 0.34 30.38 -40.69
N GLU C 187 1.00 31.48 -40.36
CA GLU C 187 2.20 31.93 -41.07
C GLU C 187 3.20 32.48 -40.07
N PRO C 188 4.03 31.61 -39.45
CA PRO C 188 4.97 32.04 -38.40
C PRO C 188 6.20 32.77 -38.92
N GLU C 189 6.11 34.10 -38.99
CA GLU C 189 7.15 35.01 -39.40
C GLU C 189 7.45 35.92 -38.22
N ILE C 190 8.64 36.45 -38.10
CA ILE C 190 8.92 37.35 -37.00
C ILE C 190 7.95 38.52 -36.73
N HIS C 191 7.63 39.37 -37.68
CA HIS C 191 6.70 40.48 -37.51
C HIS C 191 5.35 40.03 -37.10
N ASN C 192 4.87 38.96 -37.71
CA ASN C 192 3.59 38.41 -37.32
C ASN C 192 3.64 38.01 -35.86
N PHE C 193 4.71 37.34 -35.44
CA PHE C 193 4.96 37.02 -34.04
C PHE C 193 5.01 38.28 -33.24
N LEU C 194 5.73 39.27 -33.72
CA LEU C 194 5.82 40.52 -32.99
C LEU C 194 4.51 41.26 -32.77
N ARG C 195 3.63 41.29 -33.75
CA ARG C 195 2.32 41.96 -33.59
C ARG C 195 1.44 41.10 -32.70
N ALA C 196 1.60 39.80 -32.81
CA ALA C 196 0.92 38.90 -31.93
C ALA C 196 1.26 39.17 -30.46
N ILE C 197 2.51 39.47 -30.15
CA ILE C 197 2.88 39.80 -28.80
C ILE C 197 2.20 41.06 -28.31
N MET C 198 2.08 42.05 -29.19
CA MET C 198 1.47 43.33 -28.85
C MET C 198 -0.02 43.19 -28.65
N ALA C 199 -0.63 42.39 -29.49
CA ALA C 199 -2.04 42.12 -29.35
C ALA C 199 -2.37 41.54 -27.99
N ASN C 200 -1.54 40.61 -27.50
CA ASN C 200 -1.72 40.05 -26.19
C ASN C 200 -1.74 41.12 -25.18
N TYR C 201 -0.74 41.98 -25.22
CA TYR C 201 -0.59 43.09 -24.30
C TYR C 201 -1.78 44.01 -24.31
N ILE C 202 -2.27 44.34 -25.48
CA ILE C 202 -3.46 45.18 -25.58
C ILE C 202 -4.64 44.50 -24.95
N LEU C 203 -4.79 43.22 -25.20
CA LEU C 203 -5.88 42.46 -24.62
C LEU C 203 -5.89 42.48 -23.14
N GLU C 204 -4.74 42.22 -22.57
CA GLU C 204 -4.55 42.16 -21.15
C GLU C 204 -4.82 43.48 -20.45
N GLY C 205 -4.26 44.56 -20.94
CA GLY C 205 -4.28 45.86 -20.31
C GLY C 205 -5.39 46.82 -20.71
N ILE C 206 -6.15 46.51 -21.75
CA ILE C 206 -7.18 47.43 -22.21
C ILE C 206 -8.54 46.73 -22.20
N TYR C 207 -8.67 45.60 -22.91
CA TYR C 207 -10.01 44.99 -23.03
C TYR C 207 -10.54 44.54 -21.67
N PHE C 208 -9.72 43.88 -20.87
CA PHE C 208 -10.19 43.38 -19.59
C PHE C 208 -10.47 44.51 -18.59
N TYR C 209 -9.65 45.57 -18.58
CA TYR C 209 -9.83 46.60 -17.57
C TYR C 209 -11.14 47.35 -17.75
N SER C 210 -11.61 47.50 -18.99
CA SER C 210 -12.94 48.01 -19.29
C SER C 210 -14.03 47.14 -18.67
N GLY C 211 -13.87 45.82 -18.83
CA GLY C 211 -14.88 44.90 -18.32
C GLY C 211 -14.96 44.95 -16.80
N PHE C 212 -13.80 44.99 -16.13
CA PHE C 212 -13.76 45.10 -14.67
C PHE C 212 -14.58 46.29 -14.17
N SER C 213 -14.43 47.46 -14.81
CA SER C 213 -15.06 48.66 -14.29
C SER C 213 -16.59 48.55 -14.33
N PHE C 214 -17.14 47.73 -15.21
CA PHE C 214 -18.58 47.51 -15.18
C PHE C 214 -18.98 46.80 -13.88
N PHE C 215 -18.30 45.70 -13.57
CA PHE C 215 -18.69 44.91 -12.40
C PHE C 215 -18.41 45.65 -11.10
N TYR C 216 -17.33 46.41 -11.04
CA TYR C 216 -17.10 47.25 -9.86
C TYR C 216 -18.16 48.34 -9.73
N THR C 217 -18.64 48.88 -10.84
CA THR C 217 -19.66 49.93 -10.66
C THR C 217 -21.00 49.32 -10.20
N LEU C 218 -21.37 48.11 -10.62
CA LEU C 218 -22.59 47.57 -10.03
C LEU C 218 -22.37 47.20 -8.56
N ALA C 219 -21.24 46.59 -8.18
CA ALA C 219 -20.99 46.27 -6.78
C ALA C 219 -20.91 47.52 -5.93
N ARG C 220 -20.45 48.64 -6.50
CA ARG C 220 -20.38 49.88 -5.74
C ARG C 220 -21.76 50.35 -5.31
N GLN C 221 -22.79 50.00 -6.07
CA GLN C 221 -24.17 50.32 -5.74
C GLN C 221 -24.87 49.23 -4.96
N GLY C 222 -24.15 48.16 -4.60
CA GLY C 222 -24.73 47.07 -3.84
C GLY C 222 -25.27 45.91 -4.65
N LYS C 223 -24.97 45.86 -5.96
CA LYS C 223 -25.55 44.78 -6.75
C LYS C 223 -24.46 43.86 -7.27
N MET C 224 -24.77 42.57 -7.16
CA MET C 224 -23.88 41.51 -7.63
C MET C 224 -22.49 41.64 -6.99
N THR C 225 -22.47 41.78 -5.67
CA THR C 225 -21.27 41.99 -4.86
C THR C 225 -20.28 40.85 -5.02
N ALA C 226 -20.81 39.62 -5.03
CA ALA C 226 -19.96 38.44 -4.99
C ALA C 226 -19.28 38.19 -6.33
N THR C 227 -20.00 38.35 -7.46
CA THR C 227 -19.31 38.22 -8.74
CA THR C 227 -19.30 38.22 -8.74
C THR C 227 -18.24 39.30 -8.90
N SER C 228 -18.44 40.45 -8.26
CA SER C 228 -17.38 41.46 -8.25
C SER C 228 -16.16 40.97 -7.48
N THR C 229 -16.35 40.24 -6.39
CA THR C 229 -15.23 39.62 -5.70
C THR C 229 -14.44 38.72 -6.64
N ILE C 230 -15.15 37.86 -7.39
CA ILE C 230 -14.50 36.99 -8.37
C ILE C 230 -13.66 37.81 -9.35
N PHE C 231 -14.19 38.94 -9.81
CA PHE C 231 -13.42 39.73 -10.77
C PHE C 231 -12.22 40.41 -10.10
N LYS C 232 -12.26 40.66 -8.79
CA LYS C 232 -11.01 41.18 -8.21
C LYS C 232 -9.93 40.11 -8.19
N TYR C 233 -10.27 38.82 -8.09
CA TYR C 233 -9.26 37.78 -8.23
C TYR C 233 -8.74 37.70 -9.66
N ILE C 234 -9.63 37.84 -10.60
CA ILE C 234 -9.22 37.81 -11.97
C ILE C 234 -8.33 39.01 -12.26
N ASN C 235 -8.71 40.18 -11.76
CA ASN C 235 -7.91 41.40 -11.90
C ASN C 235 -6.51 41.23 -11.31
N ARG C 236 -6.39 40.61 -10.13
CA ARG C 236 -5.07 40.41 -9.52
C ARG C 236 -4.19 39.54 -10.40
N ASP C 237 -4.73 38.52 -11.04
CA ASP C 237 -3.89 37.72 -11.88
C ASP C 237 -3.54 38.53 -13.07
N GLU C 238 -4.47 39.33 -13.56
CA GLU C 238 -4.18 40.10 -14.75
C GLU C 238 -3.04 41.10 -14.63
N VAL C 239 -2.84 41.63 -13.45
CA VAL C 239 -1.70 42.51 -13.22
C VAL C 239 -0.38 41.78 -13.47
N THR C 240 -0.27 40.51 -13.05
CA THR C 240 0.97 39.78 -13.34
C THR C 240 1.09 39.47 -14.83
N HIS C 241 -0.03 39.27 -15.52
CA HIS C 241 0.04 38.99 -16.95
C HIS C 241 0.52 40.21 -17.71
N LEU C 242 0.17 41.38 -17.22
CA LEU C 242 0.60 42.63 -17.86
C LEU C 242 2.11 42.82 -17.73
N VAL C 243 2.64 42.68 -16.51
CA VAL C 243 4.07 42.86 -16.26
C VAL C 243 4.89 41.79 -16.99
N LEU C 244 4.33 40.58 -17.14
CA LEU C 244 5.01 39.53 -17.89
C LEU C 244 5.24 39.96 -19.34
N PHE C 245 4.21 40.48 -19.98
CA PHE C 245 4.35 40.90 -21.36
C PHE C 245 5.08 42.21 -21.49
N GLN C 246 4.95 43.08 -20.53
CA GLN C 246 5.77 44.30 -20.57
C GLN C 246 7.26 43.94 -20.63
N ASN C 247 7.68 43.02 -19.77
CA ASN C 247 9.08 42.65 -19.71
C ASN C 247 9.50 41.79 -20.89
N ILE C 248 8.59 41.07 -21.48
CA ILE C 248 8.89 40.28 -22.62
C ILE C 248 9.18 41.17 -23.79
N ILE C 249 8.41 42.21 -23.95
CA ILE C 249 8.63 43.17 -25.03
C ILE C 249 9.97 43.89 -24.86
N LYS C 250 10.31 44.22 -23.61
CA LYS C 250 11.55 44.99 -23.52
C LYS C 250 12.78 44.09 -23.68
N GLU C 251 12.79 42.83 -23.33
CA GLU C 251 13.95 42.02 -23.64
C GLU C 251 14.04 41.78 -25.10
N LEU C 252 12.93 41.64 -25.77
CA LEU C 252 12.97 41.38 -27.18
C LEU C 252 13.54 42.56 -27.94
N LYS C 253 13.20 43.77 -27.51
CA LYS C 253 13.78 44.98 -28.10
C LYS C 253 15.27 45.09 -27.79
N ASN C 254 15.66 44.74 -26.56
CA ASN C 254 17.07 44.83 -26.19
C ASN C 254 17.92 43.87 -27.01
N GLU C 255 17.37 42.73 -27.36
CA GLU C 255 18.12 41.75 -28.07
C GLU C 255 17.96 41.72 -29.54
N ASN C 256 17.06 42.50 -30.08
CA ASN C 256 16.79 42.57 -31.53
C ASN C 256 16.56 44.01 -31.97
N SER C 257 17.47 44.92 -31.58
CA SER C 257 17.14 46.33 -31.76
C SER C 257 17.11 46.73 -33.23
N HIS C 258 17.73 45.96 -34.13
CA HIS C 258 17.62 46.26 -35.57
C HIS C 258 16.23 45.96 -36.12
N ILE C 259 15.47 45.08 -35.47
CA ILE C 259 14.15 44.94 -36.08
C ILE C 259 13.14 45.82 -35.36
N PHE C 260 13.49 46.30 -34.20
CA PHE C 260 12.60 47.28 -33.58
C PHE C 260 12.88 48.67 -34.17
N THR C 261 12.48 48.87 -35.43
CA THR C 261 12.69 50.10 -36.18
C THR C 261 11.71 51.17 -35.70
N GLU C 262 11.97 52.43 -36.10
CA GLU C 262 10.99 53.48 -35.84
C GLU C 262 9.65 53.15 -36.49
N GLU C 263 9.68 52.44 -37.63
CA GLU C 263 8.35 52.20 -38.20
C GLU C 263 7.69 51.00 -37.54
N LEU C 264 8.45 50.02 -37.04
CA LEU C 264 7.79 48.93 -36.31
C LEU C 264 7.14 49.37 -35.03
N GLU C 265 7.77 50.28 -34.29
CA GLU C 265 7.20 50.81 -33.06
C GLU C 265 5.95 51.65 -33.34
N GLU C 266 5.91 52.33 -34.49
CA GLU C 266 4.71 53.08 -34.84
C GLU C 266 3.54 52.14 -35.16
N GLU C 267 3.84 50.99 -35.72
CA GLU C 267 2.83 49.99 -35.95
C GLU C 267 2.19 49.62 -34.61
N PHE C 268 2.96 49.46 -33.55
CA PHE C 268 2.40 49.09 -32.28
C PHE C 268 1.57 50.19 -31.75
N ARG C 269 2.02 51.39 -31.89
CA ARG C 269 1.18 52.50 -31.45
C ARG C 269 -0.16 52.51 -32.17
N GLN C 270 -0.14 52.15 -33.44
CA GLN C 270 -1.37 52.19 -34.18
C GLN C 270 -2.22 50.97 -33.92
N MET C 271 -1.66 49.83 -33.54
CA MET C 271 -2.47 48.69 -33.12
C MET C 271 -3.18 49.09 -31.87
N MET C 272 -2.48 49.76 -31.00
CA MET C 272 -3.13 50.28 -29.82
CA MET C 272 -3.11 50.30 -29.80
C MET C 272 -4.30 51.38 -29.82
N ARG C 273 -4.17 52.18 -30.87
CA ARG C 273 -5.11 53.26 -31.13
C ARG C 273 -6.35 52.59 -31.60
N MET C 274 -6.16 51.68 -32.52
CA MET C 274 -7.26 50.94 -33.07
C MET C 274 -7.96 50.12 -32.05
N GLY C 275 -7.24 49.54 -31.09
CA GLY C 275 -7.85 48.81 -30.03
C GLY C 275 -8.56 49.68 -29.06
N VAL C 276 -8.07 50.85 -28.73
CA VAL C 276 -8.74 51.87 -27.91
C VAL C 276 -10.11 52.26 -28.44
N GLU C 277 -10.14 52.42 -29.73
CA GLU C 277 -11.30 52.95 -30.39
C GLU C 277 -12.37 51.89 -30.29
N HIS C 278 -12.02 50.66 -30.63
CA HIS C 278 -12.93 49.55 -30.49
C HIS C 278 -13.45 49.41 -29.08
N GLU C 279 -12.61 49.42 -28.09
CA GLU C 279 -13.09 49.21 -26.72
C GLU C 279 -14.01 50.34 -26.27
N ILE C 280 -13.70 51.58 -26.66
CA ILE C 280 -14.56 52.70 -26.31
C ILE C 280 -15.92 52.56 -26.98
N GLN C 281 -15.91 52.32 -28.29
CA GLN C 281 -17.18 52.12 -29.01
C GLN C 281 -17.96 50.95 -28.42
N TRP C 282 -17.27 49.88 -28.00
CA TRP C 282 -17.94 48.71 -27.43
C TRP C 282 -18.54 48.99 -26.06
N GLY C 283 -17.78 49.64 -25.17
CA GLY C 283 -18.30 49.95 -23.85
C GLY C 283 -19.52 50.85 -23.90
N GLN C 284 -19.52 51.83 -24.83
CA GLN C 284 -20.69 52.68 -24.97
C GLN C 284 -21.87 51.90 -25.53
N TYR C 285 -21.62 50.91 -26.39
CA TYR C 285 -22.71 50.15 -26.99
C TYR C 285 -23.43 49.30 -25.95
N VAL C 286 -22.69 48.65 -25.05
CA VAL C 286 -23.42 47.76 -24.15
C VAL C 286 -23.97 48.50 -22.91
N THR C 287 -23.41 49.65 -22.51
CA THR C 287 -23.99 50.38 -21.39
C THR C 287 -25.21 51.19 -21.82
N ASN C 288 -25.15 51.82 -22.99
CA ASN C 288 -26.31 52.49 -23.62
C ASN C 288 -26.95 53.55 -22.70
N ASN C 289 -26.13 54.28 -21.94
CA ASN C 289 -26.56 55.28 -20.94
C ASN C 289 -27.69 54.77 -20.06
N GLU C 290 -27.60 53.47 -19.76
CA GLU C 290 -28.56 52.89 -18.83
C GLU C 290 -27.91 52.24 -17.64
N ILE C 291 -26.61 52.39 -17.46
CA ILE C 291 -25.88 51.97 -16.27
C ILE C 291 -25.60 53.23 -15.45
N LEU C 292 -26.12 53.27 -14.24
CA LEU C 292 -25.89 54.42 -13.38
C LEU C 292 -24.43 54.46 -12.94
N GLY C 293 -23.82 55.63 -13.08
CA GLY C 293 -22.43 55.81 -12.74
C GLY C 293 -21.47 55.67 -13.90
N LEU C 294 -21.95 55.24 -15.06
CA LEU C 294 -21.09 55.39 -16.24
C LEU C 294 -21.88 56.09 -17.33
N ASN C 295 -21.12 56.85 -18.09
CA ASN C 295 -21.62 57.56 -19.26
C ASN C 295 -20.55 57.52 -20.33
N ASP C 296 -20.92 57.97 -21.53
CA ASP C 296 -20.06 57.77 -22.69
C ASP C 296 -18.75 58.53 -22.56
N GLU C 297 -18.80 59.75 -22.01
CA GLU C 297 -17.58 60.56 -21.87
C GLU C 297 -16.62 59.94 -20.88
N LEU C 298 -17.14 59.47 -19.74
CA LEU C 298 -16.28 58.87 -18.72
C LEU C 298 -15.63 57.59 -19.22
N ILE C 299 -16.36 56.80 -20.01
CA ILE C 299 -15.78 55.60 -20.61
C ILE C 299 -14.64 55.98 -21.55
N GLU C 300 -14.84 57.03 -22.35
CA GLU C 300 -13.81 57.48 -23.29
C GLU C 300 -12.54 57.90 -22.58
N ARG C 301 -12.67 58.73 -21.53
CA ARG C 301 -11.42 59.18 -20.95
C ARG C 301 -10.77 58.09 -20.11
N TYR C 302 -11.51 57.10 -19.60
CA TYR C 302 -10.86 56.02 -18.84
C TYR C 302 -9.99 55.14 -19.72
N ILE C 303 -10.53 54.68 -20.86
CA ILE C 303 -9.77 53.82 -21.75
C ILE C 303 -8.56 54.55 -22.32
N LYS C 304 -8.72 55.82 -22.70
CA LYS C 304 -7.60 56.58 -23.22
C LYS C 304 -6.51 56.76 -22.18
N TYR C 305 -6.90 57.09 -20.94
CA TYR C 305 -5.94 57.25 -19.85
C TYR C 305 -5.17 55.97 -19.61
N LEU C 306 -5.86 54.82 -19.62
CA LEU C 306 -5.18 53.53 -19.45
C LEU C 306 -4.21 53.29 -20.59
N SER C 307 -4.60 53.67 -21.82
CA SER C 307 -3.68 53.46 -22.92
C SER C 307 -2.43 54.32 -22.80
N ASN C 308 -2.51 55.50 -22.17
CA ASN C 308 -1.31 56.31 -21.91
C ASN C 308 -0.34 55.58 -20.98
N LEU C 309 -0.85 55.02 -19.88
CA LEU C 309 -0.01 54.22 -18.98
C LEU C 309 0.61 53.02 -19.69
N ARG C 310 -0.19 52.28 -20.47
CA ARG C 310 0.31 51.05 -21.09
C ARG C 310 1.45 51.33 -22.08
N LEU C 311 1.34 52.43 -22.85
CA LEU C 311 2.35 52.74 -23.85
C LEU C 311 3.67 53.17 -23.20
N VAL C 312 3.61 54.05 -22.20
CA VAL C 312 4.86 54.49 -21.59
C VAL C 312 5.57 53.32 -20.89
N ALA C 313 4.82 52.34 -20.37
CA ALA C 313 5.46 51.21 -19.69
C ALA C 313 6.33 50.39 -20.63
N ILE C 314 6.10 50.46 -21.94
CA ILE C 314 6.97 49.79 -22.90
C ILE C 314 7.77 50.79 -23.73
N GLY C 315 7.94 52.02 -23.23
CA GLY C 315 8.82 52.98 -23.87
C GLY C 315 8.29 53.65 -25.12
N LEU C 316 6.98 53.75 -25.28
CA LEU C 316 6.38 54.36 -26.45
C LEU C 316 5.63 55.63 -26.07
N LYS C 317 5.55 56.56 -27.02
CA LYS C 317 4.88 57.82 -26.70
C LYS C 317 3.38 57.61 -26.65
N PRO C 318 2.72 58.25 -25.68
CA PRO C 318 1.26 58.14 -25.57
C PRO C 318 0.55 58.75 -26.77
N LEU C 319 -0.68 58.26 -26.99
CA LEU C 319 -1.51 58.76 -28.09
C LEU C 319 -2.29 60.00 -27.70
N TYR C 320 -2.61 60.16 -26.41
CA TYR C 320 -3.49 61.23 -25.92
C TYR C 320 -2.76 62.02 -24.86
N PRO C 321 -1.74 62.81 -25.25
CA PRO C 321 -0.92 63.52 -24.26
C PRO C 321 -1.68 64.49 -23.37
N GLU C 322 -2.90 64.89 -23.76
CA GLU C 322 -3.64 65.84 -22.93
C GLU C 322 -4.37 65.20 -21.75
N ILE C 323 -4.48 63.87 -21.68
CA ILE C 323 -5.25 63.22 -20.61
C ILE C 323 -4.26 62.62 -19.61
N ASN C 324 -4.00 63.39 -18.56
CA ASN C 324 -3.02 63.02 -17.55
C ASN C 324 -3.60 62.66 -16.19
N LYS C 325 -4.85 63.00 -15.91
CA LYS C 325 -5.42 62.68 -14.61
C LYS C 325 -6.34 61.47 -14.70
N HIS C 326 -6.29 60.67 -13.63
CA HIS C 326 -7.10 59.47 -13.54
C HIS C 326 -8.56 59.86 -13.41
N PRO C 327 -9.44 59.46 -14.33
CA PRO C 327 -10.84 59.91 -14.25
C PRO C 327 -11.69 59.12 -13.26
N MET C 328 -11.27 57.91 -12.88
CA MET C 328 -12.03 57.05 -11.97
C MET C 328 -11.11 56.54 -10.85
N GLU C 329 -10.60 57.45 -10.02
CA GLU C 329 -9.58 57.04 -9.04
C GLU C 329 -10.11 56.01 -8.05
N TRP C 330 -11.42 56.00 -7.79
CA TRP C 330 -11.97 55.09 -6.80
C TRP C 330 -11.73 53.61 -7.14
N ILE C 331 -11.54 53.28 -8.42
CA ILE C 331 -11.38 51.88 -8.83
C ILE C 331 -10.15 51.23 -8.21
N ASP C 332 -9.05 51.98 -8.12
CA ASP C 332 -7.84 51.27 -7.71
C ASP C 332 -7.91 50.86 -6.24
N GLY C 333 -8.55 51.60 -5.35
CA GLY C 333 -8.73 51.10 -4.00
C GLY C 333 -9.79 50.01 -3.94
N PHE C 334 -10.85 50.20 -4.72
CA PHE C 334 -11.95 49.23 -4.72
C PHE C 334 -11.49 47.87 -5.23
N SER C 335 -10.63 47.85 -6.26
CA SER C 335 -10.26 46.59 -6.88
C SER C 335 -9.37 45.73 -6.00
N LYS C 336 -8.86 46.27 -4.90
CA LYS C 336 -7.92 45.45 -4.14
C LYS C 336 -8.66 44.61 -3.10
N LEU C 337 -7.99 43.52 -2.74
CA LEU C 337 -8.55 42.54 -1.81
C LEU C 337 -8.16 42.87 -0.37
N SER D 22 -2.15 -26.05 45.64
CA SER D 22 -1.77 -24.87 44.86
C SER D 22 -0.64 -25.21 43.93
N MET D 23 -0.74 -24.74 42.70
CA MET D 23 0.18 -25.10 41.65
C MET D 23 0.87 -23.90 41.07
N LEU D 24 2.05 -24.10 40.51
CA LEU D 24 2.62 -22.99 39.79
C LEU D 24 3.37 -23.49 38.55
N LYS D 25 3.31 -22.57 37.61
CA LYS D 25 3.71 -22.83 36.25
C LYS D 25 5.19 -22.85 36.01
N LYS D 26 5.59 -23.53 34.94
CA LYS D 26 6.97 -23.66 34.56
C LYS D 26 7.70 -22.38 34.21
N MET D 27 9.02 -22.48 34.19
CA MET D 27 9.87 -21.42 33.74
C MET D 27 10.02 -21.58 32.22
N ILE D 28 10.59 -20.61 31.55
CA ILE D 28 10.76 -20.74 30.13
C ILE D 28 11.86 -21.78 29.90
N PHE D 29 12.93 -21.67 30.68
CA PHE D 29 14.07 -22.56 30.61
C PHE D 29 14.63 -22.59 32.00
N ASN D 30 14.84 -23.76 32.57
CA ASN D 30 15.38 -23.92 33.92
C ASN D 30 16.74 -24.57 33.91
N GLU D 31 17.79 -23.79 34.04
CA GLU D 31 19.15 -24.26 33.91
C GLU D 31 19.57 -25.24 35.01
N LYS D 32 18.90 -25.23 36.15
CA LYS D 32 19.06 -26.11 37.31
C LYS D 32 18.46 -27.49 37.07
N GLY D 33 17.70 -27.67 35.99
CA GLY D 33 16.97 -28.90 35.79
C GLY D 33 17.88 -30.07 35.45
N GLN D 34 17.34 -31.27 35.58
CA GLN D 34 18.09 -32.47 35.31
C GLN D 34 17.84 -32.95 33.88
N ARG D 35 18.69 -33.86 33.43
CA ARG D 35 18.54 -34.43 32.10
C ARG D 35 17.27 -35.27 32.03
N GLY D 36 16.55 -35.15 30.92
CA GLY D 36 15.42 -36.01 30.71
C GLY D 36 14.15 -35.50 31.38
N THR D 37 13.20 -36.42 31.53
CA THR D 37 11.90 -36.14 32.10
C THR D 37 11.77 -36.90 33.41
N GLU D 38 11.34 -36.20 34.46
CA GLU D 38 11.20 -36.81 35.79
C GLU D 38 9.76 -37.21 36.10
N SER D 39 8.79 -36.35 35.84
CA SER D 39 7.39 -36.70 36.09
C SER D 39 6.49 -35.83 35.23
N MET D 40 5.19 -36.14 35.26
CA MET D 40 4.24 -35.44 34.42
C MET D 40 3.94 -34.03 34.94
N ILE D 41 3.85 -33.87 36.25
CA ILE D 41 3.70 -32.57 36.88
C ILE D 41 4.74 -32.46 38.00
N ASN D 42 5.13 -31.23 38.31
CA ASN D 42 5.96 -30.96 39.48
C ASN D 42 7.34 -31.60 39.38
N GLY D 43 7.82 -31.85 38.15
CA GLY D 43 9.15 -32.40 37.93
C GLY D 43 10.21 -31.32 37.67
N ASN D 44 11.47 -31.68 37.92
CA ASN D 44 12.63 -30.78 37.74
C ASN D 44 13.21 -30.94 36.33
N THR D 45 12.62 -30.22 35.38
CA THR D 45 12.88 -30.31 33.95
C THR D 45 13.61 -29.06 33.48
N THR D 46 14.42 -29.17 32.43
CA THR D 46 14.97 -27.98 31.77
C THR D 46 14.01 -27.35 30.75
N ASN D 47 13.15 -28.19 30.17
CA ASN D 47 12.19 -27.94 29.09
C ASN D 47 12.82 -28.08 27.72
N LEU D 48 14.07 -28.47 27.66
CA LEU D 48 14.70 -28.70 26.35
C LEU D 48 14.04 -29.89 25.66
N ARG D 49 13.92 -29.81 24.32
CA ARG D 49 13.36 -30.90 23.50
C ARG D 49 14.47 -31.88 23.12
N GLU D 50 14.48 -33.03 23.78
CA GLU D 50 15.47 -34.08 23.53
C GLU D 50 14.74 -35.41 23.40
N TRP D 51 14.34 -35.73 22.18
CA TRP D 51 13.46 -36.87 21.94
C TRP D 51 14.14 -38.22 22.16
N ASN D 52 15.47 -38.28 22.33
CA ASN D 52 16.12 -39.54 22.68
C ASN D 52 16.43 -39.64 24.17
N ARG D 53 15.91 -38.73 24.99
CA ARG D 53 16.03 -38.79 26.45
C ARG D 53 14.67 -38.45 27.05
N ILE D 54 13.66 -39.26 26.74
CA ILE D 54 12.32 -39.06 27.22
C ILE D 54 11.96 -40.16 28.21
N LYS D 55 10.94 -39.89 29.03
CA LYS D 55 10.49 -40.90 30.00
C LYS D 55 9.38 -41.79 29.45
N TYR D 56 8.40 -41.21 28.76
CA TYR D 56 7.21 -41.93 28.30
C TYR D 56 7.46 -42.37 26.86
N SER D 57 7.88 -43.62 26.70
CA SER D 57 8.23 -44.16 25.39
C SER D 57 7.08 -44.07 24.40
N TRP D 58 5.83 -44.20 24.88
CA TRP D 58 4.68 -44.12 23.99
C TRP D 58 4.56 -42.75 23.30
N ALA D 59 5.24 -41.71 23.81
CA ALA D 59 5.10 -40.40 23.20
C ALA D 59 5.69 -40.37 21.79
N SER D 60 6.67 -41.20 21.57
CA SER D 60 7.33 -41.31 20.32
C SER D 60 6.42 -41.78 19.20
N ASP D 61 5.60 -42.76 19.50
CA ASP D 61 4.68 -43.31 18.53
C ASP D 61 3.60 -42.29 18.18
N PHE D 62 3.08 -41.61 19.18
CA PHE D 62 2.05 -40.59 18.97
C PHE D 62 2.54 -39.43 18.10
N TYR D 63 3.81 -39.06 18.23
CA TYR D 63 4.36 -38.04 17.42
C TYR D 63 4.30 -38.48 16.03
N ARG D 64 4.80 -39.65 15.75
CA ARG D 64 4.82 -40.17 14.41
C ARG D 64 3.41 -40.27 13.76
N THR D 65 2.48 -40.83 14.48
CA THR D 65 1.13 -41.01 13.99
C THR D 65 0.42 -39.67 13.69
N MET D 66 0.55 -38.69 14.57
CA MET D 66 -0.07 -37.40 14.38
C MET D 66 0.43 -36.74 13.14
N LEU D 67 1.72 -36.80 12.89
CA LEU D 67 2.26 -36.21 11.70
C LEU D 67 1.85 -36.89 10.42
N ASN D 68 1.77 -38.19 10.42
CA ASN D 68 1.37 -38.87 9.24
C ASN D 68 -0.09 -38.60 8.93
N ASN D 69 -0.86 -38.10 9.86
CA ASN D 69 -2.28 -37.78 9.68
C ASN D 69 -2.55 -36.38 9.14
N PHE D 70 -1.52 -35.60 8.79
CA PHE D 70 -1.69 -34.20 8.39
C PHE D 70 -2.59 -34.09 7.16
N TRP D 71 -3.49 -33.09 7.17
CA TRP D 71 -4.41 -32.88 6.05
C TRP D 71 -4.76 -31.41 5.94
N ILE D 72 -5.14 -31.01 4.73
CA ILE D 72 -5.50 -29.62 4.43
C ILE D 72 -6.96 -29.58 3.96
N PRO D 73 -7.86 -28.96 4.75
CA PRO D 73 -9.30 -29.02 4.40
C PRO D 73 -9.62 -28.56 2.99
N GLU D 74 -9.04 -27.44 2.55
CA GLU D 74 -9.37 -26.87 1.24
C GLU D 74 -8.91 -27.73 0.08
N GLU D 75 -8.21 -28.83 0.33
CA GLU D 75 -7.90 -29.82 -0.70
C GLU D 75 -9.03 -30.81 -0.92
N ILE D 76 -10.09 -30.74 -0.11
CA ILE D 76 -11.27 -31.61 -0.27
C ILE D 76 -12.34 -30.78 -0.98
N SER D 77 -12.72 -31.21 -2.18
CA SER D 77 -13.70 -30.49 -3.00
C SER D 77 -15.10 -30.63 -2.44
N LEU D 78 -15.85 -29.52 -2.43
CA LEU D 78 -17.22 -29.47 -1.94
C LEU D 78 -18.23 -29.27 -3.06
N ASN D 79 -17.84 -29.50 -4.32
CA ASN D 79 -18.73 -29.15 -5.43
C ASN D 79 -20.08 -29.81 -5.32
N GLU D 80 -20.12 -31.07 -4.88
CA GLU D 80 -21.43 -31.70 -4.81
C GLU D 80 -22.22 -31.27 -3.58
N ASP D 81 -21.55 -30.85 -2.49
CA ASP D 81 -22.30 -30.29 -1.37
C ASP D 81 -22.90 -28.93 -1.71
N ILE D 82 -22.29 -28.17 -2.63
CA ILE D 82 -22.93 -26.91 -3.01
C ILE D 82 -24.23 -27.17 -3.77
N LYS D 83 -24.36 -28.24 -4.55
CA LYS D 83 -25.62 -28.49 -5.24
C LYS D 83 -26.72 -28.91 -4.26
N GLN D 84 -26.38 -29.69 -3.23
CA GLN D 84 -27.38 -30.32 -2.38
C GLN D 84 -27.84 -29.46 -1.20
N PHE D 85 -26.98 -28.57 -0.71
CA PHE D 85 -27.30 -27.74 0.46
C PHE D 85 -28.64 -27.01 0.35
N PRO D 86 -29.02 -26.39 -0.77
CA PRO D 86 -30.33 -25.71 -0.81
C PRO D 86 -31.51 -26.66 -0.69
N TYR D 87 -31.32 -27.95 -0.87
CA TYR D 87 -32.45 -28.86 -0.89
C TYR D 87 -32.58 -29.69 0.37
N LEU D 88 -31.83 -29.34 1.40
CA LEU D 88 -31.99 -29.99 2.67
C LEU D 88 -33.29 -29.51 3.23
N THR D 89 -33.96 -30.36 4.00
CA THR D 89 -35.22 -30.00 4.62
C THR D 89 -35.03 -29.06 5.77
N ASP D 90 -36.10 -28.45 6.23
CA ASP D 90 -35.89 -27.52 7.33
C ASP D 90 -35.45 -28.18 8.60
N GLY D 91 -35.86 -29.41 8.86
CA GLY D 91 -35.40 -30.15 10.01
C GLY D 91 -33.93 -30.47 9.86
N GLU D 92 -33.51 -30.84 8.67
CA GLU D 92 -32.11 -31.11 8.41
C GLU D 92 -31.26 -29.87 8.66
N ARG D 93 -31.66 -28.74 8.08
CA ARG D 93 -30.94 -27.51 8.27
C ARG D 93 -30.94 -27.09 9.71
N ASN D 94 -32.02 -27.27 10.42
CA ASN D 94 -32.04 -26.85 11.81
C ASN D 94 -31.00 -27.60 12.66
N ALA D 95 -30.80 -28.87 12.37
CA ALA D 95 -29.77 -29.62 13.08
C ALA D 95 -28.39 -29.29 12.57
N PHE D 96 -28.24 -29.17 11.25
CA PHE D 96 -26.92 -28.88 10.67
C PHE D 96 -26.36 -27.60 11.25
N ASP D 97 -27.18 -26.54 11.30
CA ASP D 97 -26.72 -25.24 11.74
C ASP D 97 -26.31 -25.26 13.22
N LYS D 98 -27.14 -25.85 14.07
CA LYS D 98 -26.76 -25.71 15.49
C LYS D 98 -25.60 -26.65 15.85
N ILE D 99 -25.48 -27.81 15.22
CA ILE D 99 -24.40 -28.73 15.59
C ILE D 99 -23.05 -28.14 15.19
N ILE D 100 -22.94 -27.64 13.96
CA ILE D 100 -21.64 -27.16 13.48
C ILE D 100 -21.23 -25.88 14.23
N SER D 101 -22.20 -25.08 14.67
CA SER D 101 -21.79 -23.96 15.50
C SER D 101 -21.32 -24.45 16.87
N PHE D 102 -21.93 -25.49 17.44
CA PHE D 102 -21.46 -26.03 18.70
C PHE D 102 -20.05 -26.61 18.56
N LEU D 103 -19.81 -27.34 17.47
CA LEU D 103 -18.47 -27.91 17.27
C LEU D 103 -17.40 -26.84 17.07
N ASN D 104 -17.75 -25.70 16.44
CA ASN D 104 -16.78 -24.61 16.31
C ASN D 104 -16.44 -24.03 17.67
N PHE D 105 -17.42 -23.94 18.58
CA PHE D 105 -17.11 -23.49 19.93
C PHE D 105 -16.14 -24.45 20.64
N LEU D 106 -16.36 -25.77 20.50
CA LEU D 106 -15.53 -26.74 21.21
C LEU D 106 -14.08 -26.67 20.74
N ASP D 107 -13.88 -26.60 19.45
CA ASP D 107 -12.58 -26.52 18.88
C ASP D 107 -11.89 -25.18 19.19
N SER D 108 -12.66 -24.11 19.39
CA SER D 108 -11.94 -22.90 19.75
C SER D 108 -11.61 -22.85 21.24
N VAL D 109 -12.40 -23.43 22.17
CA VAL D 109 -11.99 -23.45 23.58
C VAL D 109 -10.84 -24.42 23.79
N GLN D 110 -10.71 -25.42 22.95
CA GLN D 110 -9.60 -26.35 23.08
C GLN D 110 -8.35 -25.64 22.64
N SER D 111 -8.44 -24.87 21.59
CA SER D 111 -7.28 -24.19 21.09
C SER D 111 -6.85 -23.07 22.03
N GLU D 112 -7.77 -22.50 22.79
CA GLU D 112 -7.41 -21.54 23.83
C GLU D 112 -6.88 -22.20 25.08
N ASN D 113 -7.45 -23.33 25.49
CA ASN D 113 -7.18 -23.89 26.81
C ASN D 113 -6.07 -24.94 26.85
N LEU D 114 -5.85 -25.68 25.76
CA LEU D 114 -4.77 -26.66 25.76
C LEU D 114 -3.41 -26.03 26.05
N PRO D 115 -3.04 -24.86 25.52
CA PRO D 115 -1.78 -24.24 25.97
C PRO D 115 -1.76 -23.98 27.47
N ASN D 116 -2.92 -23.77 28.09
CA ASN D 116 -2.85 -23.53 29.53
C ASN D 116 -2.70 -24.81 30.31
N ILE D 117 -3.08 -25.97 29.76
CA ILE D 117 -2.80 -27.24 30.41
C ILE D 117 -1.32 -27.56 30.28
N SER D 118 -0.76 -27.36 29.09
CA SER D 118 0.64 -27.64 28.77
C SER D 118 1.59 -26.82 29.63
N ARG D 119 1.12 -25.67 30.10
CA ARG D 119 1.93 -24.77 30.92
C ARG D 119 2.36 -25.42 32.23
N TYR D 120 1.62 -26.44 32.68
CA TYR D 120 1.90 -27.10 33.95
C TYR D 120 2.45 -28.51 33.79
N ILE D 121 2.60 -29.00 32.57
CA ILE D 121 3.17 -30.32 32.31
C ILE D 121 4.68 -30.19 32.29
N THR D 122 5.37 -31.00 33.11
CA THR D 122 6.82 -31.00 33.26
C THR D 122 7.51 -32.06 32.42
N ALA D 123 6.79 -32.71 31.50
CA ALA D 123 7.34 -33.67 30.55
C ALA D 123 7.38 -33.00 29.19
N ALA D 124 8.59 -32.67 28.71
CA ALA D 124 8.71 -31.94 27.47
C ALA D 124 8.09 -32.69 26.29
N GLU D 125 8.18 -34.03 26.30
CA GLU D 125 7.63 -34.82 25.20
C GLU D 125 6.09 -34.82 25.19
N VAL D 126 5.46 -34.67 26.35
CA VAL D 126 4.00 -34.56 26.35
C VAL D 126 3.55 -33.13 25.98
N SER D 127 4.31 -32.09 26.38
CA SER D 127 4.03 -30.72 25.92
C SER D 127 4.09 -30.62 24.41
N SER D 128 5.12 -31.21 23.79
CA SER D 128 5.11 -31.11 22.33
C SER D 128 3.90 -31.84 21.74
N LEU D 129 3.39 -32.93 22.32
CA LEU D 129 2.20 -33.57 21.74
C LEU D 129 0.96 -32.69 21.90
N LEU D 130 0.85 -31.99 23.03
CA LEU D 130 -0.28 -31.07 23.22
C LEU D 130 -0.20 -29.90 22.26
N ASN D 131 1.04 -29.43 21.95
CA ASN D 131 1.21 -28.36 20.97
C ASN D 131 0.78 -28.83 19.59
N ILE D 132 1.08 -30.08 19.25
CA ILE D 132 0.60 -30.67 17.99
C ILE D 132 -0.91 -30.79 17.99
N GLN D 133 -1.50 -31.14 19.11
CA GLN D 133 -2.92 -31.22 19.24
C GLN D 133 -3.52 -29.85 19.05
N THR D 134 -2.98 -28.85 19.72
CA THR D 134 -3.49 -27.49 19.59
C THR D 134 -3.53 -27.06 18.13
N PHE D 135 -2.47 -27.38 17.39
CA PHE D 135 -2.43 -27.06 15.96
C PHE D 135 -3.56 -27.76 15.20
N GLN D 136 -3.84 -29.03 15.52
CA GLN D 136 -4.92 -29.77 14.85
C GLN D 136 -6.30 -29.18 15.15
N GLU D 137 -6.52 -28.67 16.32
CA GLU D 137 -7.80 -28.09 16.61
C GLU D 137 -7.98 -26.82 15.76
N GLU D 138 -6.97 -25.98 15.62
CA GLU D 138 -7.06 -24.81 14.75
C GLU D 138 -7.46 -25.20 13.33
N ILE D 139 -6.86 -26.28 12.82
CA ILE D 139 -7.22 -26.75 11.49
C ILE D 139 -8.67 -27.22 11.43
N HIS D 140 -9.17 -27.81 12.49
CA HIS D 140 -10.52 -28.29 12.51
C HIS D 140 -11.45 -27.09 12.41
N ALA D 141 -11.24 -26.10 13.25
CA ALA D 141 -12.07 -24.90 13.24
C ALA D 141 -12.06 -24.24 11.88
N GLN D 142 -10.90 -24.20 11.21
CA GLN D 142 -10.83 -23.58 9.89
C GLN D 142 -11.67 -24.35 8.87
N SER D 143 -11.72 -25.67 9.00
CA SER D 143 -12.58 -26.60 8.26
C SER D 143 -14.02 -26.11 8.17
N TYR D 144 -14.51 -25.67 9.34
CA TYR D 144 -15.90 -25.25 9.40
C TYR D 144 -16.11 -23.94 8.63
N SER D 145 -15.14 -23.00 8.70
CA SER D 145 -15.40 -21.79 7.92
C SER D 145 -15.22 -22.06 6.43
N TYR D 146 -14.38 -23.01 6.03
CA TYR D 146 -14.34 -23.42 4.63
C TYR D 146 -15.68 -24.00 4.19
N ILE D 147 -16.31 -24.84 5.02
CA ILE D 147 -17.61 -25.41 4.70
C ILE D 147 -18.65 -24.32 4.53
N LEU D 148 -18.81 -23.49 5.58
CA LEU D 148 -19.92 -22.54 5.59
C LEU D 148 -19.75 -21.48 4.51
N ASP D 149 -18.52 -21.03 4.26
CA ASP D 149 -18.28 -20.03 3.23
C ASP D 149 -18.45 -20.56 1.82
N THR D 150 -18.33 -21.87 1.63
CA THR D 150 -18.43 -22.46 0.30
C THR D 150 -19.87 -22.88 -0.02
N VAL D 151 -20.63 -23.37 0.96
CA VAL D 151 -21.95 -23.89 0.63
C VAL D 151 -23.05 -22.85 0.77
N THR D 152 -22.76 -21.66 1.29
CA THR D 152 -23.81 -20.65 1.39
C THR D 152 -23.22 -19.25 1.29
N ASN D 153 -24.11 -18.26 1.31
CA ASN D 153 -23.76 -16.86 1.15
C ASN D 153 -23.45 -16.24 2.50
N PRO D 154 -22.85 -15.04 2.53
CA PRO D 154 -22.38 -14.49 3.81
C PRO D 154 -23.47 -14.27 4.87
N ILE D 155 -24.69 -13.91 4.48
CA ILE D 155 -25.72 -13.66 5.49
C ILE D 155 -26.06 -14.96 6.22
N THR D 156 -26.26 -16.05 5.47
CA THR D 156 -26.54 -17.35 6.09
C THR D 156 -25.34 -17.87 6.87
N ARG D 157 -24.13 -17.64 6.35
CA ARG D 157 -22.91 -18.07 7.03
C ARG D 157 -22.81 -17.46 8.43
N ASP D 158 -23.05 -16.16 8.54
CA ASP D 158 -22.92 -15.46 9.82
C ASP D 158 -23.99 -15.90 10.82
N LYS D 159 -25.17 -16.27 10.33
CA LYS D 159 -26.18 -16.66 11.32
C LYS D 159 -25.89 -18.03 11.90
N ILE D 160 -25.20 -18.91 11.18
CA ILE D 160 -24.77 -20.17 11.76
C ILE D 160 -23.67 -19.92 12.81
N TYR D 161 -22.69 -19.09 12.48
CA TYR D 161 -21.71 -18.62 13.47
C TYR D 161 -22.37 -18.16 14.77
N ASP D 162 -23.45 -17.38 14.66
CA ASP D 162 -24.07 -16.68 15.79
C ASP D 162 -25.21 -17.45 16.46
N GLN D 163 -25.33 -18.77 16.23
CA GLN D 163 -26.44 -19.52 16.83
C GLN D 163 -26.48 -19.35 18.34
N TRP D 164 -25.31 -19.30 18.99
CA TRP D 164 -25.24 -19.24 20.45
C TRP D 164 -25.78 -17.93 21.03
N ARG D 165 -25.82 -16.84 20.23
CA ARG D 165 -26.40 -15.59 20.71
C ARG D 165 -27.94 -15.60 20.69
N GLU D 166 -28.57 -16.56 20.02
CA GLU D 166 -29.99 -16.65 19.74
C GLU D 166 -30.70 -17.82 20.40
N ASP D 167 -29.93 -18.84 20.80
CA ASP D 167 -30.47 -20.10 21.34
C ASP D 167 -30.00 -20.25 22.78
N GLU D 168 -30.95 -20.17 23.72
CA GLU D 168 -30.49 -20.14 25.10
C GLU D 168 -29.98 -21.50 25.58
N HIS D 169 -30.41 -22.60 24.95
CA HIS D 169 -29.79 -23.80 25.51
C HIS D 169 -28.39 -24.05 24.94
N LEU D 170 -28.02 -23.60 23.74
CA LEU D 170 -26.63 -23.68 23.31
C LEU D 170 -25.74 -22.79 24.17
N LEU D 171 -26.20 -21.59 24.51
CA LEU D 171 -25.44 -20.70 25.38
C LEU D 171 -25.17 -21.34 26.74
N GLU D 172 -26.17 -22.03 27.30
CA GLU D 172 -25.73 -22.52 28.61
C GLU D 172 -24.92 -23.81 28.48
N ARG D 173 -24.92 -24.55 27.36
CA ARG D 173 -23.88 -25.57 27.17
C ARG D 173 -22.49 -24.94 27.11
N ASN D 174 -22.35 -23.81 26.42
CA ASN D 174 -21.05 -23.19 26.30
C ASN D 174 -20.53 -22.73 27.66
N LYS D 175 -21.40 -22.05 28.43
CA LYS D 175 -20.95 -21.55 29.73
C LYS D 175 -20.62 -22.68 30.68
N PHE D 176 -21.30 -23.79 30.58
CA PHE D 176 -20.99 -24.89 31.44
C PHE D 176 -19.64 -25.47 31.12
N ILE D 177 -19.43 -25.77 29.87
CA ILE D 177 -18.17 -26.38 29.45
C ILE D 177 -16.99 -25.45 29.70
N ALA D 178 -17.14 -24.17 29.37
CA ALA D 178 -16.04 -23.23 29.58
C ALA D 178 -15.75 -23.01 31.06
N GLY D 179 -16.75 -23.17 31.94
CA GLY D 179 -16.54 -22.93 33.35
C GLY D 179 -15.54 -23.88 34.01
N ILE D 180 -15.45 -25.12 33.53
CA ILE D 180 -14.52 -26.08 34.13
C ILE D 180 -13.08 -25.68 33.79
N TYR D 181 -12.83 -25.36 32.52
CA TYR D 181 -11.53 -24.85 32.11
C TYR D 181 -11.21 -23.53 32.80
N GLU D 182 -12.20 -22.63 32.91
CA GLU D 182 -11.96 -21.31 33.49
C GLU D 182 -11.67 -21.40 34.99
N LYS D 183 -12.10 -22.44 35.63
CA LYS D 183 -11.83 -22.45 37.04
C LYS D 183 -10.41 -22.84 37.35
N PHE D 184 -9.69 -23.48 36.44
CA PHE D 184 -8.31 -23.75 36.65
C PHE D 184 -7.54 -22.55 36.12
N ASN D 185 -8.02 -21.94 35.07
CA ASN D 185 -7.22 -20.81 34.61
C ASN D 185 -7.23 -19.67 35.63
N LYS D 186 -8.26 -19.50 36.46
CA LYS D 186 -8.23 -18.46 37.50
C LYS D 186 -7.65 -18.92 38.83
N GLU D 187 -7.77 -20.20 39.14
CA GLU D 187 -7.19 -20.68 40.35
C GLU D 187 -6.62 -22.05 40.21
N PRO D 188 -5.36 -22.03 39.86
CA PRO D 188 -4.58 -23.22 39.63
C PRO D 188 -4.29 -24.07 40.86
N GLU D 189 -5.07 -25.12 41.08
CA GLU D 189 -4.91 -26.04 42.19
C GLU D 189 -4.90 -27.44 41.59
N ILE D 190 -4.32 -28.39 42.26
CA ILE D 190 -4.26 -29.71 41.72
C ILE D 190 -5.60 -30.37 41.45
N HIS D 191 -6.65 -30.08 42.22
CA HIS D 191 -7.91 -30.72 41.91
C HIS D 191 -8.58 -30.03 40.79
N ASN D 192 -8.38 -28.74 40.63
CA ASN D 192 -8.95 -28.09 39.48
C ASN D 192 -8.33 -28.64 38.26
N PHE D 193 -7.01 -28.78 38.25
CA PHE D 193 -6.26 -29.30 37.14
C PHE D 193 -6.72 -30.68 36.75
N LEU D 194 -6.88 -31.55 37.70
CA LEU D 194 -7.29 -32.89 37.40
C LEU D 194 -8.66 -32.97 36.74
N ARG D 195 -9.59 -32.18 37.19
CA ARG D 195 -10.87 -32.27 36.54
C ARG D 195 -10.88 -31.60 35.19
N ALA D 196 -10.02 -30.63 34.95
CA ALA D 196 -9.97 -30.07 33.64
C ALA D 196 -9.39 -31.09 32.74
N ILE D 197 -8.53 -31.93 33.24
CA ILE D 197 -8.02 -33.01 32.41
C ILE D 197 -9.16 -33.96 32.03
N MET D 198 -9.98 -34.35 33.02
CA MET D 198 -11.08 -35.26 32.77
C MET D 198 -12.15 -34.63 31.90
N ALA D 199 -12.40 -33.33 32.08
CA ALA D 199 -13.37 -32.62 31.25
C ALA D 199 -12.90 -32.61 29.80
N ASN D 200 -11.62 -32.57 29.62
CA ASN D 200 -11.15 -32.54 28.29
C ASN D 200 -11.26 -33.91 27.65
N TYR D 201 -11.20 -34.97 28.44
CA TYR D 201 -11.34 -36.32 27.94
C TYR D 201 -12.75 -36.52 27.46
N ILE D 202 -13.70 -36.09 28.23
CA ILE D 202 -15.08 -36.21 27.88
C ILE D 202 -15.48 -35.40 26.65
N LEU D 203 -14.94 -34.21 26.51
CA LEU D 203 -15.21 -33.38 25.38
C LEU D 203 -14.78 -34.08 24.14
N GLU D 204 -13.59 -34.63 24.14
CA GLU D 204 -13.09 -35.31 22.99
C GLU D 204 -13.72 -36.67 22.75
N GLY D 205 -14.09 -37.35 23.80
CA GLY D 205 -14.62 -38.67 23.62
C GLY D 205 -16.12 -38.85 23.54
N ILE D 206 -16.87 -37.85 23.98
CA ILE D 206 -18.29 -37.92 23.93
C ILE D 206 -18.96 -36.84 23.06
N TYR D 207 -18.64 -35.59 23.28
CA TYR D 207 -19.30 -34.51 22.54
C TYR D 207 -18.98 -34.56 21.06
N PHE D 208 -17.75 -34.79 20.71
CA PHE D 208 -17.42 -34.82 19.33
C PHE D 208 -17.96 -36.06 18.63
N TYR D 209 -17.96 -37.19 19.31
CA TYR D 209 -18.43 -38.43 18.70
C TYR D 209 -19.91 -38.35 18.39
N SER D 210 -20.65 -37.72 19.26
CA SER D 210 -22.06 -37.59 18.91
C SER D 210 -22.25 -36.64 17.74
N GLY D 211 -21.41 -35.62 17.55
CA GLY D 211 -21.52 -34.78 16.36
C GLY D 211 -21.22 -35.52 15.07
N PHE D 212 -20.25 -36.39 15.11
CA PHE D 212 -19.88 -37.08 13.91
C PHE D 212 -21.02 -37.96 13.38
N SER D 213 -21.75 -38.57 14.28
CA SER D 213 -22.81 -39.47 13.84
C SER D 213 -23.93 -38.73 13.10
N PHE D 214 -24.12 -37.43 13.37
CA PHE D 214 -25.11 -36.69 12.57
C PHE D 214 -24.66 -36.58 11.13
N PHE D 215 -23.43 -36.12 10.90
CA PHE D 215 -22.96 -35.90 9.55
C PHE D 215 -22.81 -37.21 8.77
N TYR D 216 -22.50 -38.31 9.44
CA TYR D 216 -22.39 -39.60 8.80
C TYR D 216 -23.81 -40.07 8.41
N THR D 217 -24.76 -39.82 9.27
CA THR D 217 -26.15 -40.16 8.97
C THR D 217 -26.63 -39.47 7.72
N LEU D 218 -26.32 -38.20 7.53
CA LEU D 218 -26.72 -37.51 6.32
C LEU D 218 -26.07 -38.12 5.13
N ALA D 219 -24.78 -38.38 5.23
CA ALA D 219 -24.03 -38.90 4.11
C ALA D 219 -24.36 -40.30 3.69
N ARG D 220 -24.92 -41.09 4.58
CA ARG D 220 -25.33 -42.42 4.24
C ARG D 220 -26.52 -42.38 3.25
N GLN D 221 -27.39 -41.36 3.40
CA GLN D 221 -28.50 -41.10 2.49
C GLN D 221 -28.05 -40.39 1.22
N GLY D 222 -26.80 -39.95 1.12
CA GLY D 222 -26.30 -39.27 -0.06
C GLY D 222 -26.36 -37.77 -0.05
N LYS D 223 -26.51 -37.22 1.12
CA LYS D 223 -26.63 -35.78 1.33
C LYS D 223 -25.35 -35.25 1.99
N MET D 224 -24.78 -34.18 1.44
CA MET D 224 -23.58 -33.55 2.00
C MET D 224 -22.44 -34.55 2.14
N THR D 225 -22.13 -35.23 1.02
CA THR D 225 -21.13 -36.29 1.05
C THR D 225 -19.73 -35.76 1.37
N ALA D 226 -19.38 -34.56 0.86
CA ALA D 226 -18.03 -34.04 1.06
C ALA D 226 -17.82 -33.47 2.45
N THR D 227 -18.86 -32.90 3.07
CA THR D 227 -18.73 -32.46 4.46
C THR D 227 -18.42 -33.65 5.37
N SER D 228 -19.04 -34.81 5.08
CA SER D 228 -18.68 -35.84 6.04
C SER D 228 -17.35 -36.49 5.70
N THR D 229 -16.77 -36.39 4.51
CA THR D 229 -15.34 -36.68 4.37
C THR D 229 -14.49 -35.78 5.26
N ILE D 230 -14.78 -34.48 5.31
CA ILE D 230 -14.02 -33.61 6.22
C ILE D 230 -14.12 -34.15 7.66
N PHE D 231 -15.32 -34.60 8.06
CA PHE D 231 -15.45 -35.07 9.43
C PHE D 231 -14.73 -36.41 9.66
N LYS D 232 -14.54 -37.23 8.62
CA LYS D 232 -13.74 -38.44 8.79
C LYS D 232 -12.29 -38.08 9.16
N TYR D 233 -11.76 -37.01 8.55
CA TYR D 233 -10.42 -36.56 8.87
C TYR D 233 -10.34 -36.02 10.31
N ILE D 234 -11.37 -35.35 10.72
CA ILE D 234 -11.40 -34.85 12.03
C ILE D 234 -11.46 -35.99 13.01
N ASN D 235 -12.23 -37.02 12.66
CA ASN D 235 -12.43 -38.22 13.46
C ASN D 235 -11.10 -38.90 13.66
N ARG D 236 -10.36 -39.03 12.59
CA ARG D 236 -9.08 -39.60 12.64
C ARG D 236 -8.18 -38.87 13.61
N ASP D 237 -8.16 -37.54 13.62
CA ASP D 237 -7.35 -36.82 14.58
C ASP D 237 -7.92 -37.04 15.94
N GLU D 238 -9.22 -37.11 16.10
CA GLU D 238 -9.83 -37.32 17.39
C GLU D 238 -9.40 -38.58 18.10
N VAL D 239 -9.21 -39.62 17.35
CA VAL D 239 -8.78 -40.87 17.84
C VAL D 239 -7.49 -40.66 18.59
N THR D 240 -6.51 -40.05 17.96
CA THR D 240 -5.22 -39.77 18.60
C THR D 240 -5.31 -38.87 19.82
N HIS D 241 -6.23 -37.93 19.83
CA HIS D 241 -6.36 -37.09 20.98
C HIS D 241 -6.91 -37.82 22.15
N LEU D 242 -7.75 -38.80 21.92
CA LEU D 242 -8.30 -39.57 22.99
C LEU D 242 -7.27 -40.42 23.68
N VAL D 243 -6.45 -41.10 22.91
CA VAL D 243 -5.44 -41.97 23.52
C VAL D 243 -4.34 -41.16 24.19
N LEU D 244 -4.06 -39.95 23.71
CA LEU D 244 -3.11 -39.09 24.42
C LEU D 244 -3.61 -38.85 25.85
N PHE D 245 -4.87 -38.43 25.98
CA PHE D 245 -5.39 -38.08 27.30
C PHE D 245 -5.66 -39.30 28.15
N GLN D 246 -5.95 -40.45 27.54
CA GLN D 246 -5.97 -41.70 28.29
C GLN D 246 -4.61 -41.96 28.92
N ASN D 247 -3.55 -41.83 28.14
CA ASN D 247 -2.21 -42.10 28.66
C ASN D 247 -1.78 -41.03 29.67
N ILE D 248 -2.16 -39.78 29.44
CA ILE D 248 -1.85 -38.72 30.41
C ILE D 248 -2.51 -39.02 31.76
N ILE D 249 -3.78 -39.45 31.73
CA ILE D 249 -4.48 -39.79 32.98
C ILE D 249 -3.83 -41.00 33.64
N LYS D 250 -3.33 -41.96 32.84
CA LYS D 250 -2.79 -43.10 33.59
C LYS D 250 -1.40 -42.83 34.13
N GLU D 251 -0.59 -41.94 33.56
CA GLU D 251 0.69 -41.60 34.19
C GLU D 251 0.48 -40.74 35.43
N LEU D 252 -0.52 -39.86 35.42
CA LEU D 252 -0.82 -39.07 36.60
C LEU D 252 -1.22 -39.94 37.77
N LYS D 253 -2.04 -40.98 37.52
CA LYS D 253 -2.35 -41.74 38.72
C LYS D 253 -1.25 -42.73 39.05
N ASN D 254 -0.39 -43.16 38.12
CA ASN D 254 0.76 -43.97 38.50
C ASN D 254 1.72 -43.19 39.38
N GLU D 255 1.87 -41.88 39.14
CA GLU D 255 2.84 -41.06 39.87
C GLU D 255 2.26 -40.30 41.05
N ASN D 256 0.93 -40.28 41.21
CA ASN D 256 0.25 -39.53 42.27
C ASN D 256 -0.89 -40.35 42.88
N SER D 257 -0.61 -41.61 43.25
CA SER D 257 -1.51 -42.60 43.86
C SER D 257 -2.37 -42.01 44.96
N HIS D 258 -1.66 -41.23 45.78
CA HIS D 258 -2.25 -40.67 46.99
C HIS D 258 -3.29 -39.59 46.70
N ILE D 259 -3.23 -38.94 45.54
CA ILE D 259 -4.24 -37.97 45.11
C ILE D 259 -5.45 -38.68 44.50
N PHE D 260 -5.20 -39.76 43.76
CA PHE D 260 -6.24 -40.55 43.10
C PHE D 260 -6.95 -41.43 44.13
N THR D 261 -7.77 -40.78 44.95
CA THR D 261 -8.58 -41.49 45.92
C THR D 261 -9.79 -42.13 45.25
N GLU D 262 -10.45 -43.04 45.96
CA GLU D 262 -11.75 -43.58 45.53
C GLU D 262 -12.76 -42.46 45.29
N GLU D 263 -12.69 -41.44 46.13
CA GLU D 263 -13.63 -40.33 46.02
C GLU D 263 -13.35 -39.51 44.76
N LEU D 264 -12.07 -39.25 44.48
CA LEU D 264 -11.73 -38.48 43.29
C LEU D 264 -12.18 -39.21 42.02
N GLU D 265 -11.91 -40.52 41.94
CA GLU D 265 -12.34 -41.28 40.77
C GLU D 265 -13.86 -41.33 40.68
N GLU D 266 -14.55 -41.33 41.82
CA GLU D 266 -16.01 -41.22 41.77
C GLU D 266 -16.44 -39.86 41.26
N GLU D 267 -15.71 -38.81 41.63
CA GLU D 267 -15.96 -37.49 41.07
C GLU D 267 -15.83 -37.51 39.55
N PHE D 268 -14.83 -38.24 39.04
CA PHE D 268 -14.65 -38.37 37.59
C PHE D 268 -15.82 -39.10 36.95
N ARG D 269 -16.31 -40.18 37.58
CA ARG D 269 -17.45 -40.92 37.05
C ARG D 269 -18.69 -40.04 36.94
N GLN D 270 -18.90 -39.23 37.94
CA GLN D 270 -20.03 -38.39 37.98
C GLN D 270 -19.91 -37.30 36.95
N MET D 271 -18.70 -37.01 36.52
CA MET D 271 -18.48 -35.97 35.57
C MET D 271 -18.86 -36.48 34.24
N MET D 272 -18.63 -37.75 34.00
CA MET D 272 -19.00 -38.29 32.76
C MET D 272 -20.50 -38.50 32.69
N ARG D 273 -21.13 -38.76 33.82
CA ARG D 273 -22.55 -38.98 33.86
C ARG D 273 -23.19 -37.73 33.44
N MET D 274 -22.83 -36.66 34.09
CA MET D 274 -23.36 -35.36 33.78
C MET D 274 -23.14 -34.93 32.35
N GLY D 275 -22.00 -35.23 31.79
CA GLY D 275 -21.77 -34.89 30.42
C GLY D 275 -22.62 -35.72 29.50
N VAL D 276 -22.83 -36.96 29.85
CA VAL D 276 -23.60 -37.84 29.02
C VAL D 276 -25.06 -37.42 28.98
N GLU D 277 -25.58 -36.93 30.08
CA GLU D 277 -26.94 -36.47 30.11
C GLU D 277 -27.13 -35.27 29.18
N HIS D 278 -26.30 -34.26 29.39
CA HIS D 278 -26.26 -33.09 28.59
C HIS D 278 -26.14 -33.44 27.15
N GLU D 279 -25.29 -34.36 26.77
CA GLU D 279 -25.17 -34.69 25.35
C GLU D 279 -26.45 -35.34 24.81
N ILE D 280 -27.08 -36.23 25.59
CA ILE D 280 -28.26 -36.86 25.00
C ILE D 280 -29.44 -35.89 24.95
N GLN D 281 -29.66 -35.02 25.94
CA GLN D 281 -30.71 -34.02 25.75
C GLN D 281 -30.39 -33.11 24.57
N TRP D 282 -29.11 -32.82 24.30
CA TRP D 282 -28.74 -31.97 23.18
C TRP D 282 -28.97 -32.65 21.84
N GLY D 283 -28.57 -33.92 21.71
CA GLY D 283 -28.76 -34.61 20.43
C GLY D 283 -30.22 -34.75 20.05
N GLN D 284 -31.08 -35.09 21.02
CA GLN D 284 -32.51 -35.18 20.76
C GLN D 284 -33.10 -33.81 20.48
N TYR D 285 -32.56 -32.76 21.11
CA TYR D 285 -33.10 -31.43 20.93
C TYR D 285 -32.86 -30.94 19.51
N VAL D 286 -31.65 -31.14 18.98
CA VAL D 286 -31.36 -30.60 17.65
C VAL D 286 -31.90 -31.49 16.53
N THR D 287 -32.02 -32.81 16.73
CA THR D 287 -32.59 -33.86 15.87
C THR D 287 -34.07 -33.62 15.58
N ASN D 288 -34.76 -33.62 16.74
CA ASN D 288 -36.20 -33.41 16.82
C ASN D 288 -37.01 -34.42 15.97
N ASN D 289 -36.57 -35.68 15.97
CA ASN D 289 -37.24 -36.76 15.23
C ASN D 289 -37.43 -36.43 13.76
N GLU D 290 -36.51 -35.65 13.20
CA GLU D 290 -36.70 -35.28 11.80
C GLU D 290 -35.54 -35.72 10.90
N ILE D 291 -34.57 -36.44 11.43
CA ILE D 291 -33.45 -36.97 10.66
C ILE D 291 -33.66 -38.46 10.45
N LEU D 292 -33.70 -38.90 9.19
CA LEU D 292 -33.85 -40.30 8.81
C LEU D 292 -32.73 -41.13 9.41
N GLY D 293 -33.03 -42.16 10.18
CA GLY D 293 -32.00 -43.02 10.76
C GLY D 293 -31.59 -42.67 12.18
N LEU D 294 -32.08 -41.55 12.72
CA LEU D 294 -31.88 -41.23 14.11
C LEU D 294 -33.24 -41.10 14.79
N ASN D 295 -33.30 -41.54 16.04
CA ASN D 295 -34.48 -41.35 16.87
C ASN D 295 -34.00 -41.13 18.30
N ASP D 296 -34.93 -40.80 19.20
CA ASP D 296 -34.45 -40.38 20.50
C ASP D 296 -33.86 -41.55 21.30
N GLU D 297 -34.39 -42.76 21.18
CA GLU D 297 -33.90 -44.02 21.75
C GLU D 297 -32.45 -44.29 21.35
N LEU D 298 -32.30 -44.28 20.02
CA LEU D 298 -31.02 -44.69 19.47
C LEU D 298 -29.92 -43.70 19.84
N ILE D 299 -30.21 -42.40 19.91
CA ILE D 299 -29.24 -41.42 20.37
C ILE D 299 -28.85 -41.69 21.83
N GLU D 300 -29.83 -41.99 22.68
CA GLU D 300 -29.56 -42.29 24.08
C GLU D 300 -28.64 -43.51 24.21
N ARG D 301 -28.99 -44.61 23.52
CA ARG D 301 -28.21 -45.84 23.63
C ARG D 301 -26.79 -45.64 23.12
N TYR D 302 -26.59 -44.82 22.09
CA TYR D 302 -25.27 -44.63 21.51
C TYR D 302 -24.35 -43.85 22.47
N ILE D 303 -24.85 -42.75 23.03
CA ILE D 303 -24.02 -41.97 23.95
C ILE D 303 -23.66 -42.80 25.17
N LYS D 304 -24.63 -43.57 25.69
CA LYS D 304 -24.32 -44.43 26.83
C LYS D 304 -23.31 -45.50 26.47
N TYR D 305 -23.46 -46.15 25.31
CA TYR D 305 -22.51 -47.19 24.89
C TYR D 305 -21.10 -46.64 24.79
N LEU D 306 -20.92 -45.46 24.19
CA LEU D 306 -19.58 -44.88 24.10
C LEU D 306 -19.00 -44.57 25.47
N SER D 307 -19.83 -44.05 26.38
CA SER D 307 -19.48 -43.76 27.77
C SER D 307 -18.77 -44.94 28.42
N ASN D 308 -19.39 -46.10 28.18
CA ASN D 308 -18.87 -47.35 28.75
C ASN D 308 -17.46 -47.61 28.27
N LEU D 309 -17.22 -47.46 26.96
CA LEU D 309 -15.87 -47.65 26.44
C LEU D 309 -14.90 -46.66 27.07
N ARG D 310 -15.29 -45.38 27.16
CA ARG D 310 -14.35 -44.35 27.62
C ARG D 310 -13.95 -44.57 29.08
N LEU D 311 -14.89 -44.97 29.94
CA LEU D 311 -14.57 -45.18 31.34
C LEU D 311 -13.72 -46.43 31.55
N VAL D 312 -14.04 -47.53 30.86
CA VAL D 312 -13.20 -48.68 31.17
C VAL D 312 -11.80 -48.47 30.58
N ALA D 313 -11.62 -47.64 29.57
CA ALA D 313 -10.28 -47.35 29.06
C ALA D 313 -9.38 -46.61 30.05
N ILE D 314 -9.94 -45.97 31.07
CA ILE D 314 -9.11 -45.36 32.09
C ILE D 314 -9.27 -46.06 33.44
N GLY D 315 -9.71 -47.31 33.43
CA GLY D 315 -9.78 -48.12 34.63
C GLY D 315 -10.96 -47.87 35.54
N LEU D 316 -12.06 -47.35 35.02
CA LEU D 316 -13.22 -47.04 35.84
C LEU D 316 -14.42 -47.91 35.47
N LYS D 317 -15.30 -48.13 36.44
CA LYS D 317 -16.47 -48.97 36.19
C LYS D 317 -17.47 -48.25 35.28
N PRO D 318 -18.06 -48.97 34.33
CA PRO D 318 -19.03 -48.34 33.41
C PRO D 318 -20.26 -47.86 34.19
N LEU D 319 -20.92 -46.85 33.62
CA LEU D 319 -22.15 -46.31 34.20
C LEU D 319 -23.40 -47.04 33.72
N TYR D 320 -23.41 -47.58 32.50
CA TYR D 320 -24.60 -48.23 31.95
C TYR D 320 -24.25 -49.64 31.46
N PRO D 321 -23.91 -50.54 32.39
CA PRO D 321 -23.45 -51.89 31.99
C PRO D 321 -24.50 -52.71 31.25
N GLU D 322 -25.78 -52.35 31.32
CA GLU D 322 -26.81 -53.14 30.66
C GLU D 322 -26.81 -52.93 29.15
N ILE D 323 -26.04 -51.96 28.67
CA ILE D 323 -25.88 -51.65 27.25
C ILE D 323 -24.54 -52.20 26.81
N ASN D 324 -24.49 -53.45 26.36
CA ASN D 324 -23.23 -54.07 25.97
C ASN D 324 -23.06 -54.18 24.47
N LYS D 325 -24.14 -54.01 23.72
CA LYS D 325 -24.15 -54.15 22.27
C LYS D 325 -24.08 -52.78 21.61
N HIS D 326 -23.33 -52.68 20.53
CA HIS D 326 -23.21 -51.45 19.74
C HIS D 326 -24.53 -51.16 19.04
N PRO D 327 -25.17 -50.01 19.26
CA PRO D 327 -26.48 -49.78 18.62
C PRO D 327 -26.39 -49.34 17.16
N MET D 328 -25.24 -48.82 16.71
CA MET D 328 -25.08 -48.31 15.34
C MET D 328 -23.78 -48.83 14.73
N GLU D 329 -23.65 -50.17 14.62
CA GLU D 329 -22.40 -50.81 14.26
C GLU D 329 -21.84 -50.32 12.92
N TRP D 330 -22.71 -49.90 12.04
CA TRP D 330 -22.29 -49.48 10.72
C TRP D 330 -21.32 -48.26 10.78
N ILE D 331 -21.39 -47.47 11.84
CA ILE D 331 -20.57 -46.26 11.92
C ILE D 331 -19.09 -46.59 11.82
N ASP D 332 -18.67 -47.71 12.44
CA ASP D 332 -17.24 -48.00 12.55
C ASP D 332 -16.60 -48.14 11.18
N GLY D 333 -17.24 -48.90 10.28
CA GLY D 333 -16.71 -49.02 8.93
C GLY D 333 -16.91 -47.76 8.10
N PHE D 334 -18.00 -47.06 8.35
CA PHE D 334 -18.31 -45.88 7.58
C PHE D 334 -17.32 -44.77 7.81
N SER D 335 -16.90 -44.64 9.05
CA SER D 335 -16.01 -43.55 9.48
C SER D 335 -14.58 -43.66 8.95
N LYS D 336 -14.21 -44.79 8.36
CA LYS D 336 -12.81 -44.91 7.98
C LYS D 336 -12.58 -44.42 6.56
N LEU D 337 -11.33 -44.07 6.31
CA LEU D 337 -10.86 -43.50 5.05
C LEU D 337 -10.58 -44.58 4.01
#